data_2JW5
#
_entry.id   2JW5
#
_entity_poly.entity_id   1
_entity_poly.type   'polypeptide(L)'
_entity_poly.pdbx_seq_one_letter_code
;GSNSGEEAEEWLSSLRAHVVRTGIGRARAELFEKQIVQHGGQLCPAQGPGVTHIVVDEGMDYERALRLLRLPQLPPGAQL
VKSAWLSLCLQERRLVDVAGFSIFIP
;
_entity_poly.pdbx_strand_id   A
#
# COMPACT_ATOMS: atom_id res chain seq x y z
N GLY A 1 -23.66 -17.20 9.75
CA GLY A 1 -22.36 -17.80 9.32
C GLY A 1 -21.20 -17.01 9.92
N SER A 2 -20.39 -17.68 10.73
CA SER A 2 -19.26 -17.02 11.36
C SER A 2 -18.18 -16.71 10.34
N ASN A 3 -17.43 -15.64 10.57
CA ASN A 3 -16.36 -15.25 9.66
C ASN A 3 -15.00 -15.30 10.35
N SER A 4 -14.67 -16.47 10.91
CA SER A 4 -13.40 -16.65 11.60
C SER A 4 -12.78 -18.00 11.24
N GLY A 5 -11.46 -18.03 11.14
CA GLY A 5 -10.75 -19.27 10.82
C GLY A 5 -9.26 -19.01 10.62
N GLU A 6 -8.92 -18.27 9.57
CA GLU A 6 -7.53 -17.96 9.29
C GLU A 6 -7.05 -16.79 10.15
N GLU A 7 -6.43 -17.13 11.28
CA GLU A 7 -5.92 -16.10 12.18
C GLU A 7 -4.88 -15.24 11.49
N ALA A 8 -3.95 -15.90 10.80
CA ALA A 8 -2.88 -15.18 10.10
C ALA A 8 -2.11 -14.29 11.06
N GLU A 9 -2.47 -14.35 12.35
CA GLU A 9 -1.80 -13.54 13.35
C GLU A 9 -1.88 -12.06 12.99
N GLU A 10 -2.46 -11.75 11.83
CA GLU A 10 -2.59 -10.38 11.38
C GLU A 10 -1.36 -9.56 11.76
N TRP A 11 -0.27 -9.78 11.03
CA TRP A 11 0.98 -9.07 11.30
C TRP A 11 1.03 -7.78 10.49
N LEU A 12 0.69 -7.87 9.22
CA LEU A 12 0.71 -6.71 8.35
C LEU A 12 -0.27 -5.65 8.82
N SER A 13 -1.36 -6.11 9.42
CA SER A 13 -2.39 -5.21 9.91
C SER A 13 -1.76 -4.08 10.73
N SER A 14 -0.50 -4.26 11.10
CA SER A 14 0.20 -3.26 11.89
C SER A 14 0.36 -1.97 11.09
N LEU A 15 0.18 -2.07 9.78
CA LEU A 15 0.31 -0.89 8.91
C LEU A 15 -0.86 -0.83 7.93
N ARG A 16 -1.00 0.30 7.25
CA ARG A 16 -2.08 0.47 6.28
C ARG A 16 -1.50 0.70 4.88
N ALA A 17 -1.71 -0.28 4.01
CA ALA A 17 -1.22 -0.17 2.63
C ALA A 17 -2.29 0.40 1.72
N HIS A 18 -1.88 0.81 0.52
CA HIS A 18 -2.82 1.36 -0.45
C HIS A 18 -2.29 1.16 -1.87
N VAL A 19 -3.06 0.47 -2.70
CA VAL A 19 -2.65 0.22 -4.08
C VAL A 19 -3.52 1.04 -5.04
N VAL A 20 -2.87 1.67 -6.02
CA VAL A 20 -3.58 2.48 -6.99
C VAL A 20 -4.08 1.60 -8.15
N ARG A 21 -5.37 1.31 -8.14
CA ARG A 21 -5.97 0.48 -9.17
C ARG A 21 -5.86 1.16 -10.53
N THR A 22 -6.05 2.47 -10.55
CA THR A 22 -5.96 3.23 -11.79
C THR A 22 -4.53 3.20 -12.33
N GLY A 23 -3.56 3.12 -11.41
CA GLY A 23 -2.16 3.09 -11.81
C GLY A 23 -1.70 1.67 -12.10
N ILE A 24 -1.65 0.85 -11.06
CA ILE A 24 -1.23 -0.54 -11.22
C ILE A 24 -2.18 -1.27 -12.14
N GLY A 25 -3.17 -1.93 -11.55
CA GLY A 25 -4.16 -2.69 -12.32
C GLY A 25 -3.53 -3.32 -13.56
N ARG A 26 -2.26 -3.67 -13.46
CA ARG A 26 -1.55 -4.26 -14.60
C ARG A 26 -2.06 -5.66 -14.88
N ALA A 27 -1.93 -6.54 -13.89
CA ALA A 27 -2.38 -7.92 -14.05
C ALA A 27 -1.91 -8.76 -12.87
N ARG A 28 -0.61 -8.74 -12.61
CA ARG A 28 -0.04 -9.50 -11.50
C ARG A 28 0.24 -8.60 -10.31
N ALA A 29 0.77 -7.41 -10.59
CA ALA A 29 1.08 -6.45 -9.54
C ALA A 29 -0.17 -6.16 -8.72
N GLU A 30 -1.30 -6.00 -9.39
CA GLU A 30 -2.56 -5.73 -8.70
C GLU A 30 -2.73 -6.65 -7.50
N LEU A 31 -2.46 -7.93 -7.70
CA LEU A 31 -2.57 -8.91 -6.61
C LEU A 31 -2.00 -8.32 -5.32
N PHE A 32 -1.22 -7.26 -5.44
CA PHE A 32 -0.62 -6.62 -4.29
C PHE A 32 -1.66 -6.36 -3.21
N GLU A 33 -2.75 -5.73 -3.58
CA GLU A 33 -3.81 -5.43 -2.63
C GLU A 33 -4.38 -6.71 -2.03
N LYS A 34 -4.56 -7.73 -2.87
CA LYS A 34 -5.11 -9.00 -2.41
C LYS A 34 -4.20 -9.62 -1.34
N GLN A 35 -2.90 -9.57 -1.59
CA GLN A 35 -1.95 -10.12 -0.64
C GLN A 35 -2.00 -9.36 0.68
N ILE A 36 -2.14 -8.04 0.59
CA ILE A 36 -2.18 -7.22 1.79
C ILE A 36 -3.43 -7.55 2.62
N VAL A 37 -4.59 -7.47 1.99
CA VAL A 37 -5.84 -7.74 2.69
C VAL A 37 -5.88 -9.18 3.18
N GLN A 38 -5.40 -10.09 2.34
CA GLN A 38 -5.38 -11.51 2.69
C GLN A 38 -4.55 -11.72 3.94
N HIS A 39 -3.70 -10.75 4.26
CA HIS A 39 -2.84 -10.86 5.44
C HIS A 39 -3.45 -10.12 6.62
N GLY A 40 -4.64 -9.56 6.41
CA GLY A 40 -5.34 -8.84 7.47
C GLY A 40 -5.11 -7.34 7.36
N GLY A 41 -4.34 -6.94 6.36
CA GLY A 41 -4.04 -5.52 6.15
C GLY A 41 -5.07 -4.89 5.21
N GLN A 42 -6.06 -4.22 5.79
CA GLN A 42 -7.10 -3.58 5.00
C GLN A 42 -6.55 -2.36 4.27
N LEU A 43 -7.06 -2.12 3.07
CA LEU A 43 -6.62 -0.99 2.26
C LEU A 43 -7.81 -0.28 1.63
N CYS A 44 -7.62 0.99 1.29
CA CYS A 44 -8.68 1.77 0.68
C CYS A 44 -8.12 3.02 0.01
N PRO A 45 -8.84 3.57 -0.93
CA PRO A 45 -8.43 4.82 -1.64
C PRO A 45 -8.32 6.01 -0.69
N ALA A 46 -8.50 7.21 -1.24
CA ALA A 46 -8.44 8.42 -0.44
C ALA A 46 -9.27 8.27 0.83
N GLN A 47 -10.29 7.42 0.76
CA GLN A 47 -11.16 7.19 1.91
C GLN A 47 -10.39 6.51 3.04
N GLY A 48 -9.27 5.89 2.68
CA GLY A 48 -8.43 5.20 3.66
C GLY A 48 -8.38 5.99 4.98
N PRO A 49 -9.09 5.54 5.98
CA PRO A 49 -9.13 6.22 7.31
C PRO A 49 -7.73 6.50 7.84
N GLY A 50 -6.78 5.66 7.46
CA GLY A 50 -5.40 5.83 7.91
C GLY A 50 -4.41 5.27 6.89
N VAL A 51 -4.43 5.83 5.68
CA VAL A 51 -3.52 5.39 4.64
C VAL A 51 -2.24 6.21 4.67
N THR A 52 -1.21 5.68 5.30
CA THR A 52 0.07 6.39 5.37
C THR A 52 1.01 5.90 4.28
N HIS A 53 0.72 4.74 3.72
CA HIS A 53 1.57 4.18 2.66
C HIS A 53 0.84 4.21 1.33
N ILE A 54 1.58 4.53 0.26
CA ILE A 54 1.00 4.57 -1.08
C ILE A 54 1.85 3.80 -2.07
N VAL A 55 1.37 2.62 -2.46
CA VAL A 55 2.11 1.78 -3.40
C VAL A 55 1.69 2.09 -4.83
N VAL A 56 2.67 2.28 -5.70
CA VAL A 56 2.40 2.58 -7.10
C VAL A 56 3.26 1.72 -8.01
N ASP A 57 2.86 1.63 -9.28
CA ASP A 57 3.61 0.83 -10.24
C ASP A 57 4.96 1.48 -10.54
N GLU A 58 5.38 2.37 -9.66
CA GLU A 58 6.67 3.06 -9.83
C GLU A 58 6.60 4.01 -11.01
N GLY A 59 5.64 3.78 -11.91
CA GLY A 59 5.49 4.63 -13.07
C GLY A 59 5.18 6.07 -12.67
N MET A 60 4.00 6.27 -12.10
CA MET A 60 3.59 7.60 -11.66
C MET A 60 4.52 8.11 -10.56
N ASP A 61 4.77 9.41 -10.56
CA ASP A 61 5.62 10.02 -9.53
C ASP A 61 4.80 10.31 -8.26
N TYR A 62 5.49 10.64 -7.18
CA TYR A 62 4.82 10.93 -5.93
C TYR A 62 3.89 12.12 -6.10
N GLU A 63 4.42 13.22 -6.61
CA GLU A 63 3.63 14.43 -6.79
C GLU A 63 2.32 14.12 -7.52
N ARG A 64 2.41 13.22 -8.49
CA ARG A 64 1.23 12.82 -9.26
C ARG A 64 0.34 11.89 -8.44
N ALA A 65 0.96 10.98 -7.71
CA ALA A 65 0.22 10.02 -6.91
C ALA A 65 -0.88 10.71 -6.11
N LEU A 66 -0.66 11.98 -5.81
CA LEU A 66 -1.64 12.74 -5.04
C LEU A 66 -3.00 12.73 -5.71
N ARG A 67 -3.05 13.23 -6.93
CA ARG A 67 -4.29 13.27 -7.68
C ARG A 67 -4.63 11.89 -8.25
N LEU A 68 -3.59 11.10 -8.47
CA LEU A 68 -3.79 9.77 -9.04
C LEU A 68 -4.65 8.93 -8.12
N LEU A 69 -4.38 9.01 -6.84
CA LEU A 69 -5.14 8.23 -5.86
C LEU A 69 -6.31 9.06 -5.33
N ARG A 70 -6.52 10.23 -5.90
CA ARG A 70 -7.59 11.11 -5.44
C ARG A 70 -7.28 11.67 -4.06
N LEU A 71 -6.12 12.31 -3.93
CA LEU A 71 -5.73 12.89 -2.66
C LEU A 71 -4.90 14.16 -2.88
N PRO A 72 -5.38 15.30 -2.45
CA PRO A 72 -4.67 16.59 -2.64
C PRO A 72 -3.48 16.75 -1.70
N GLN A 73 -3.33 15.81 -0.78
CA GLN A 73 -2.24 15.87 0.18
C GLN A 73 -2.29 14.67 1.13
N LEU A 74 -1.12 14.13 1.45
CA LEU A 74 -1.04 13.00 2.35
C LEU A 74 -1.04 13.45 3.80
N PRO A 75 -1.59 12.66 4.68
CA PRO A 75 -1.63 12.99 6.14
C PRO A 75 -0.22 13.16 6.71
N PRO A 76 -0.12 13.32 8.01
CA PRO A 76 1.19 13.48 8.70
C PRO A 76 2.08 12.25 8.54
N GLY A 77 3.35 12.48 8.21
CA GLY A 77 4.28 11.39 8.04
C GLY A 77 4.00 10.63 6.77
N ALA A 78 2.74 10.21 6.59
CA ALA A 78 2.33 9.45 5.40
C ALA A 78 3.35 9.60 4.28
N GLN A 79 3.77 8.48 3.71
CA GLN A 79 4.78 8.50 2.65
C GLN A 79 4.33 7.64 1.49
N LEU A 80 4.89 7.90 0.31
CA LEU A 80 4.54 7.14 -0.88
C LEU A 80 5.66 6.21 -1.28
N VAL A 81 5.38 4.91 -1.26
CA VAL A 81 6.39 3.91 -1.61
C VAL A 81 6.06 3.28 -2.95
N LYS A 82 6.95 2.41 -3.43
CA LYS A 82 6.75 1.74 -4.70
C LYS A 82 6.32 0.29 -4.49
N SER A 83 6.22 -0.45 -5.59
CA SER A 83 5.82 -1.85 -5.52
C SER A 83 6.85 -2.67 -4.76
N ALA A 84 8.13 -2.35 -4.96
CA ALA A 84 9.20 -3.08 -4.29
C ALA A 84 9.00 -3.06 -2.78
N TRP A 85 8.66 -1.90 -2.25
CA TRP A 85 8.43 -1.77 -0.81
C TRP A 85 7.37 -2.75 -0.35
N LEU A 86 6.24 -2.78 -1.05
CA LEU A 86 5.14 -3.65 -0.67
C LEU A 86 5.60 -5.10 -0.67
N SER A 87 6.20 -5.54 -1.77
CA SER A 87 6.67 -6.92 -1.86
C SER A 87 7.35 -7.35 -0.57
N LEU A 88 8.37 -6.60 -0.17
CA LEU A 88 9.10 -6.91 1.06
C LEU A 88 8.14 -6.99 2.24
N CYS A 89 7.31 -5.96 2.39
CA CYS A 89 6.36 -5.93 3.49
C CYS A 89 5.63 -7.27 3.60
N LEU A 90 5.41 -7.92 2.46
CA LEU A 90 4.75 -9.22 2.45
C LEU A 90 5.72 -10.33 2.82
N GLN A 91 6.86 -10.36 2.15
CA GLN A 91 7.86 -11.39 2.42
C GLN A 91 8.51 -11.17 3.78
N GLU A 92 9.04 -9.96 3.99
CA GLU A 92 9.70 -9.64 5.25
C GLU A 92 8.67 -9.40 6.33
N ARG A 93 7.40 -9.68 6.02
CA ARG A 93 6.31 -9.50 6.98
C ARG A 93 6.67 -8.44 8.03
N ARG A 94 7.06 -7.26 7.58
CA ARG A 94 7.46 -6.19 8.48
C ARG A 94 7.35 -4.85 7.78
N LEU A 95 7.88 -3.80 8.43
CA LEU A 95 7.86 -2.47 7.85
C LEU A 95 9.27 -2.06 7.41
N VAL A 96 9.56 -2.24 6.13
CA VAL A 96 10.87 -1.90 5.60
C VAL A 96 10.97 -0.40 5.36
N ASP A 97 12.19 0.12 5.39
CA ASP A 97 12.42 1.55 5.20
C ASP A 97 11.93 1.98 3.82
N VAL A 98 10.97 2.90 3.82
CA VAL A 98 10.41 3.39 2.56
C VAL A 98 11.48 4.07 1.71
N ALA A 99 12.32 4.86 2.37
CA ALA A 99 13.39 5.57 1.68
C ALA A 99 14.09 4.65 0.69
N GLY A 100 13.93 3.34 0.90
CA GLY A 100 14.56 2.36 0.03
C GLY A 100 13.91 2.34 -1.34
N PHE A 101 12.58 2.45 -1.36
CA PHE A 101 11.83 2.42 -2.62
C PHE A 101 10.76 3.50 -2.63
N SER A 102 11.06 4.64 -2.00
CA SER A 102 10.11 5.75 -1.95
C SER A 102 10.48 6.82 -2.97
N ILE A 103 9.46 7.34 -3.65
CA ILE A 103 9.68 8.37 -4.66
C ILE A 103 10.05 9.68 -4.01
N PHE A 104 9.06 10.32 -3.37
CA PHE A 104 9.28 11.59 -2.72
C PHE A 104 9.62 12.66 -3.72
N ILE A 105 10.37 12.29 -4.76
CA ILE A 105 10.80 13.22 -5.80
C ILE A 105 12.06 12.70 -6.49
N PRO A 106 13.10 12.43 -5.74
CA PRO A 106 14.39 11.96 -6.30
C PRO A 106 14.23 10.64 -7.04
N GLY A 1 -10.70 -13.49 14.09
CA GLY A 1 -10.81 -14.38 12.90
C GLY A 1 -11.73 -15.55 13.23
N SER A 2 -13.04 -15.30 13.19
CA SER A 2 -14.02 -16.33 13.48
C SER A 2 -14.20 -17.25 12.27
N ASN A 3 -13.58 -16.88 11.15
CA ASN A 3 -13.68 -17.68 9.93
C ASN A 3 -12.53 -18.67 9.85
N SER A 4 -11.75 -18.77 10.92
CA SER A 4 -10.61 -19.68 10.96
C SER A 4 -10.31 -20.11 12.39
N GLY A 5 -9.74 -21.30 12.55
CA GLY A 5 -9.41 -21.81 13.87
C GLY A 5 -8.39 -20.92 14.57
N GLU A 6 -7.37 -20.52 13.83
CA GLU A 6 -6.32 -19.66 14.38
C GLU A 6 -5.38 -19.17 13.28
N GLU A 7 -5.80 -18.15 12.56
CA GLU A 7 -4.98 -17.60 11.48
C GLU A 7 -3.71 -16.96 12.04
N ALA A 8 -3.86 -16.24 13.14
CA ALA A 8 -2.71 -15.58 13.77
C ALA A 8 -2.08 -14.58 12.81
N GLU A 9 -2.68 -14.44 11.63
CA GLU A 9 -2.16 -13.50 10.62
C GLU A 9 -2.53 -12.07 11.00
N GLU A 10 -3.26 -11.40 10.10
CA GLU A 10 -3.67 -10.03 10.33
C GLU A 10 -2.49 -9.18 10.80
N TRP A 11 -1.48 -9.05 9.92
CA TRP A 11 -0.29 -8.26 10.23
C TRP A 11 -0.29 -6.95 9.47
N LEU A 12 -0.84 -6.98 8.26
CA LEU A 12 -0.90 -5.78 7.43
C LEU A 12 -2.02 -4.86 7.88
N SER A 13 -2.86 -5.36 8.77
CA SER A 13 -3.97 -4.56 9.28
C SER A 13 -3.46 -3.39 10.11
N SER A 14 -2.24 -3.52 10.61
CA SER A 14 -1.65 -2.47 11.43
C SER A 14 -1.47 -1.19 10.61
N LEU A 15 -1.56 -1.32 9.30
CA LEU A 15 -1.40 -0.17 8.40
C LEU A 15 -2.42 -0.22 7.28
N ARG A 16 -2.53 0.88 6.53
CA ARG A 16 -3.48 0.95 5.41
C ARG A 16 -2.73 1.17 4.10
N ALA A 17 -2.67 0.14 3.27
CA ALA A 17 -2.00 0.23 1.98
C ALA A 17 -2.99 0.63 0.90
N HIS A 18 -2.50 1.30 -0.14
CA HIS A 18 -3.34 1.73 -1.25
C HIS A 18 -2.63 1.48 -2.57
N VAL A 19 -3.27 0.67 -3.42
CA VAL A 19 -2.72 0.37 -4.74
C VAL A 19 -3.34 1.28 -5.78
N VAL A 20 -2.50 1.80 -6.67
CA VAL A 20 -2.95 2.70 -7.72
C VAL A 20 -3.44 1.92 -8.94
N ARG A 21 -4.65 2.22 -9.38
CA ARG A 21 -5.23 1.55 -10.53
C ARG A 21 -4.55 2.00 -11.82
N THR A 22 -4.20 3.28 -11.89
CA THR A 22 -3.56 3.82 -13.08
C THR A 22 -2.29 3.06 -13.41
N GLY A 23 -1.44 2.87 -12.40
CA GLY A 23 -0.19 2.13 -12.61
C GLY A 23 -0.40 0.65 -12.35
N ILE A 24 -0.32 0.26 -11.08
CA ILE A 24 -0.50 -1.11 -10.68
C ILE A 24 -1.80 -1.67 -11.23
N GLY A 25 -1.77 -2.01 -12.49
CA GLY A 25 -2.93 -2.55 -13.17
C GLY A 25 -2.57 -3.17 -14.52
N ARG A 26 -1.33 -3.62 -14.64
CA ARG A 26 -0.86 -4.23 -15.88
C ARG A 26 -1.46 -5.62 -16.05
N ALA A 27 -1.58 -6.34 -14.93
CA ALA A 27 -2.14 -7.70 -14.98
C ALA A 27 -2.20 -8.29 -13.57
N ARG A 28 -1.07 -8.82 -13.12
CA ARG A 28 -0.99 -9.43 -11.79
C ARG A 28 -0.58 -8.39 -10.75
N ALA A 29 0.02 -7.30 -11.20
CA ALA A 29 0.47 -6.26 -10.29
C ALA A 29 -0.66 -5.85 -9.35
N GLU A 30 -1.89 -6.00 -9.81
CA GLU A 30 -3.05 -5.64 -8.98
C GLU A 30 -3.20 -6.62 -7.84
N LEU A 31 -2.89 -7.88 -8.10
CA LEU A 31 -3.02 -8.90 -7.07
C LEU A 31 -2.40 -8.42 -5.76
N PHE A 32 -1.55 -7.41 -5.84
CA PHE A 32 -0.90 -6.87 -4.66
C PHE A 32 -1.93 -6.33 -3.67
N GLU A 33 -2.90 -5.58 -4.18
CA GLU A 33 -3.94 -5.00 -3.33
C GLU A 33 -4.74 -6.09 -2.63
N LYS A 34 -5.04 -7.16 -3.38
CA LYS A 34 -5.82 -8.26 -2.83
C LYS A 34 -5.04 -8.96 -1.72
N GLN A 35 -3.75 -9.16 -1.95
CA GLN A 35 -2.91 -9.84 -0.97
C GLN A 35 -2.84 -9.02 0.33
N ILE A 36 -3.18 -7.74 0.23
CA ILE A 36 -3.15 -6.87 1.40
C ILE A 36 -4.43 -7.00 2.23
N VAL A 37 -5.55 -6.76 1.58
CA VAL A 37 -6.83 -6.84 2.27
C VAL A 37 -7.11 -8.27 2.71
N GLN A 38 -6.64 -9.22 1.92
CA GLN A 38 -6.84 -10.62 2.23
C GLN A 38 -6.01 -11.03 3.44
N HIS A 39 -4.97 -10.26 3.72
CA HIS A 39 -4.08 -10.55 4.85
C HIS A 39 -4.49 -9.74 6.07
N GLY A 40 -5.69 -9.15 6.04
CA GLY A 40 -6.18 -8.35 7.15
C GLY A 40 -5.97 -6.87 6.89
N GLY A 41 -5.43 -6.54 5.73
CA GLY A 41 -5.19 -5.15 5.38
C GLY A 41 -6.50 -4.48 4.95
N GLN A 42 -6.41 -3.56 4.01
CA GLN A 42 -7.58 -2.85 3.52
C GLN A 42 -7.17 -1.71 2.59
N LEU A 43 -8.01 -1.40 1.61
CA LEU A 43 -7.73 -0.33 0.67
C LEU A 43 -8.64 0.86 0.94
N CYS A 44 -8.03 1.97 1.38
CA CYS A 44 -8.79 3.16 1.69
C CYS A 44 -8.09 4.39 1.11
N PRO A 45 -8.43 4.77 -0.11
CA PRO A 45 -7.82 5.96 -0.77
C PRO A 45 -7.91 7.21 0.10
N ALA A 46 -7.72 8.37 -0.53
CA ALA A 46 -7.79 9.64 0.18
C ALA A 46 -9.17 9.84 0.79
N GLN A 47 -10.20 9.33 0.11
CA GLN A 47 -11.57 9.47 0.61
C GLN A 47 -11.74 8.72 1.92
N GLY A 48 -10.84 7.78 2.17
CA GLY A 48 -10.89 6.99 3.40
C GLY A 48 -10.39 7.80 4.59
N PRO A 49 -10.03 7.13 5.66
CA PRO A 49 -9.51 7.79 6.90
C PRO A 49 -8.35 8.72 6.60
N GLY A 50 -7.50 8.32 5.66
CA GLY A 50 -6.35 9.12 5.30
C GLY A 50 -5.29 8.29 4.61
N VAL A 51 -5.07 7.08 5.11
CA VAL A 51 -4.09 6.16 4.53
C VAL A 51 -2.69 6.53 5.01
N THR A 52 -1.75 5.61 4.87
CA THR A 52 -0.37 5.86 5.27
C THR A 52 0.61 5.38 4.20
N HIS A 53 0.34 4.21 3.63
CA HIS A 53 1.22 3.63 2.60
C HIS A 53 0.53 3.65 1.24
N ILE A 54 1.30 4.04 0.21
CA ILE A 54 0.76 4.07 -1.14
C ILE A 54 1.74 3.40 -2.11
N VAL A 55 1.35 2.22 -2.60
CA VAL A 55 2.19 1.47 -3.53
C VAL A 55 1.94 1.88 -4.97
N VAL A 56 3.01 2.00 -5.75
CA VAL A 56 2.89 2.39 -7.16
C VAL A 56 3.78 1.49 -8.02
N ASP A 57 3.38 1.31 -9.28
CA ASP A 57 4.13 0.48 -10.21
C ASP A 57 5.40 1.18 -10.65
N GLU A 58 6.08 1.79 -9.70
CA GLU A 58 7.33 2.48 -9.99
C GLU A 58 7.23 3.25 -11.31
N GLY A 59 6.00 3.55 -11.71
CA GLY A 59 5.76 4.26 -12.96
C GLY A 59 5.49 5.74 -12.71
N MET A 60 4.40 6.03 -12.02
CA MET A 60 4.05 7.40 -11.71
C MET A 60 4.88 7.92 -10.56
N ASP A 61 5.03 9.24 -10.49
CA ASP A 61 5.81 9.87 -9.43
C ASP A 61 4.90 10.26 -8.26
N TYR A 62 5.51 10.73 -7.19
CA TYR A 62 4.75 11.13 -6.02
C TYR A 62 3.78 12.25 -6.39
N GLU A 63 4.28 13.28 -7.05
CA GLU A 63 3.44 14.42 -7.41
C GLU A 63 2.19 13.97 -8.13
N ARG A 64 2.33 12.96 -8.98
CA ARG A 64 1.20 12.43 -9.73
C ARG A 64 0.42 11.43 -8.90
N ALA A 65 1.07 10.88 -7.88
CA ALA A 65 0.40 9.89 -7.05
C ALA A 65 -0.80 10.48 -6.32
N LEU A 66 -0.71 11.75 -5.93
CA LEU A 66 -1.80 12.40 -5.20
C LEU A 66 -3.07 12.43 -6.03
N ARG A 67 -2.93 12.72 -7.32
CA ARG A 67 -4.09 12.77 -8.18
C ARG A 67 -4.65 11.37 -8.38
N LEU A 68 -3.80 10.36 -8.19
CA LEU A 68 -4.22 8.99 -8.40
C LEU A 68 -5.28 8.56 -7.39
N LEU A 69 -5.06 8.99 -6.16
CA LEU A 69 -5.97 8.67 -5.07
C LEU A 69 -6.63 9.93 -4.52
N ARG A 70 -6.39 11.06 -5.17
CA ARG A 70 -6.95 12.33 -4.74
C ARG A 70 -6.53 12.63 -3.31
N LEU A 71 -5.21 12.68 -3.07
CA LEU A 71 -4.71 12.98 -1.73
C LEU A 71 -4.18 14.41 -1.67
N PRO A 72 -4.84 15.30 -0.98
CA PRO A 72 -4.39 16.71 -0.83
C PRO A 72 -2.93 16.81 -0.39
N GLN A 73 -2.55 15.94 0.54
CA GLN A 73 -1.19 15.94 1.05
C GLN A 73 -0.96 14.77 1.99
N LEU A 74 0.17 14.08 1.82
CA LEU A 74 0.48 12.93 2.66
C LEU A 74 0.39 13.29 4.15
N PRO A 75 -0.58 12.76 4.86
CA PRO A 75 -0.75 13.03 6.31
C PRO A 75 0.56 12.83 7.09
N PRO A 76 0.49 12.94 8.40
CA PRO A 76 1.69 12.76 9.28
C PRO A 76 2.31 11.38 9.12
N GLY A 77 3.53 11.35 8.59
CA GLY A 77 4.23 10.09 8.39
C GLY A 77 3.95 9.55 7.01
N ALA A 78 2.68 9.16 6.76
CA ALA A 78 2.27 8.60 5.46
C ALA A 78 3.33 8.84 4.39
N GLN A 79 3.75 7.76 3.72
CA GLN A 79 4.79 7.87 2.69
C GLN A 79 4.39 7.08 1.46
N LEU A 80 4.94 7.47 0.33
CA LEU A 80 4.66 6.78 -0.92
C LEU A 80 5.74 5.78 -1.22
N VAL A 81 5.38 4.50 -1.18
CA VAL A 81 6.34 3.43 -1.42
C VAL A 81 6.07 2.80 -2.78
N LYS A 82 7.00 1.97 -3.22
CA LYS A 82 6.88 1.31 -4.51
C LYS A 82 6.44 -0.14 -4.34
N SER A 83 6.35 -0.85 -5.46
CA SER A 83 5.93 -2.24 -5.45
C SER A 83 6.91 -3.08 -4.63
N ALA A 84 8.20 -2.79 -4.76
CA ALA A 84 9.22 -3.54 -4.02
C ALA A 84 8.91 -3.53 -2.53
N TRP A 85 8.44 -2.39 -2.03
CA TRP A 85 8.12 -2.29 -0.61
C TRP A 85 7.03 -3.28 -0.23
N LEU A 86 5.97 -3.34 -1.03
CA LEU A 86 4.87 -4.24 -0.73
C LEU A 86 5.38 -5.69 -0.70
N SER A 87 6.05 -6.09 -1.77
CA SER A 87 6.56 -7.44 -1.86
C SER A 87 7.35 -7.78 -0.60
N LEU A 88 8.16 -6.83 -0.14
CA LEU A 88 8.95 -7.06 1.06
C LEU A 88 8.02 -7.31 2.24
N CYS A 89 7.07 -6.41 2.45
CA CYS A 89 6.13 -6.56 3.56
C CYS A 89 5.51 -7.96 3.53
N LEU A 90 5.28 -8.47 2.33
CA LEU A 90 4.71 -9.80 2.19
C LEU A 90 5.71 -10.87 2.63
N GLN A 91 6.91 -10.80 2.05
CA GLN A 91 7.94 -11.76 2.38
C GLN A 91 8.28 -11.68 3.86
N GLU A 92 8.06 -10.51 4.44
CA GLU A 92 8.35 -10.31 5.87
C GLU A 92 7.05 -10.30 6.67
N ARG A 93 5.93 -10.39 5.96
CA ARG A 93 4.63 -10.40 6.61
C ARG A 93 4.56 -9.34 7.70
N ARG A 94 4.98 -8.13 7.37
CA ARG A 94 4.98 -7.03 8.32
C ARG A 94 5.34 -5.72 7.64
N LEU A 95 5.46 -4.66 8.43
CA LEU A 95 5.79 -3.35 7.88
C LEU A 95 7.31 -3.18 7.76
N VAL A 96 7.76 -2.82 6.56
CA VAL A 96 9.19 -2.63 6.30
C VAL A 96 9.49 -1.17 5.99
N ASP A 97 10.73 -0.77 6.23
CA ASP A 97 11.14 0.61 5.99
C ASP A 97 10.97 0.95 4.52
N VAL A 98 10.89 2.25 4.23
CA VAL A 98 10.71 2.72 2.86
C VAL A 98 11.93 3.50 2.39
N ALA A 99 12.94 3.56 3.24
CA ALA A 99 14.16 4.29 2.91
C ALA A 99 14.87 3.64 1.73
N GLY A 100 14.23 3.72 0.56
CA GLY A 100 14.81 3.14 -0.65
C GLY A 100 13.74 2.89 -1.70
N PHE A 101 12.54 2.54 -1.25
CA PHE A 101 11.43 2.26 -2.17
C PHE A 101 10.45 3.43 -2.18
N SER A 102 10.77 4.46 -1.41
CA SER A 102 9.93 5.66 -1.32
C SER A 102 10.33 6.69 -2.37
N ILE A 103 9.33 7.35 -2.95
CA ILE A 103 9.59 8.36 -3.97
C ILE A 103 9.70 9.72 -3.33
N PHE A 104 8.55 10.24 -2.89
CA PHE A 104 8.50 11.55 -2.25
C PHE A 104 8.90 12.66 -3.22
N ILE A 105 9.87 12.37 -4.09
CA ILE A 105 10.41 13.32 -5.07
C ILE A 105 11.84 12.92 -5.47
N PRO A 106 12.73 12.78 -4.50
CA PRO A 106 14.16 12.44 -4.78
C PRO A 106 14.29 11.11 -5.53
N GLY A 1 -0.16 -6.37 24.27
CA GLY A 1 -1.32 -6.74 25.12
C GLY A 1 -2.09 -7.88 24.45
N SER A 2 -2.78 -7.55 23.36
CA SER A 2 -3.55 -8.56 22.64
C SER A 2 -2.63 -9.58 21.98
N ASN A 3 -2.93 -10.86 22.18
CA ASN A 3 -2.11 -11.92 21.59
C ASN A 3 -2.20 -11.89 20.07
N SER A 4 -3.41 -11.68 19.55
CA SER A 4 -3.62 -11.63 18.11
C SER A 4 -2.77 -12.68 17.39
N GLY A 5 -3.09 -13.95 17.61
CA GLY A 5 -2.36 -15.06 16.99
C GLY A 5 -3.24 -15.83 16.01
N GLU A 6 -4.44 -15.32 15.77
CA GLU A 6 -5.37 -15.97 14.85
C GLU A 6 -5.12 -15.51 13.42
N GLU A 7 -4.70 -16.45 12.57
CA GLU A 7 -4.43 -16.14 11.18
C GLU A 7 -5.71 -15.78 10.45
N ALA A 8 -6.72 -16.64 10.57
CA ALA A 8 -8.00 -16.41 9.91
C ALA A 8 -7.79 -15.85 8.51
N GLU A 9 -6.66 -16.19 7.89
CA GLU A 9 -6.34 -15.72 6.55
C GLU A 9 -6.34 -14.20 6.50
N GLU A 10 -6.54 -13.56 7.65
CA GLU A 10 -6.56 -12.10 7.75
C GLU A 10 -5.27 -11.59 8.37
N TRP A 11 -4.18 -11.61 7.58
CA TRP A 11 -2.89 -11.15 8.06
C TRP A 11 -2.62 -9.73 7.56
N LEU A 12 -2.62 -9.58 6.24
CA LEU A 12 -2.37 -8.28 5.64
C LEU A 12 -3.47 -7.29 6.04
N SER A 13 -4.65 -7.81 6.27
CA SER A 13 -5.78 -6.97 6.64
C SER A 13 -5.39 -6.01 7.77
N SER A 14 -4.26 -6.29 8.40
CA SER A 14 -3.77 -5.44 9.49
C SER A 14 -3.35 -4.07 8.96
N LEU A 15 -3.22 -3.95 7.64
CA LEU A 15 -2.82 -2.68 7.00
C LEU A 15 -3.68 -2.41 5.77
N ARG A 16 -3.58 -1.19 5.24
CA ARG A 16 -4.32 -0.81 4.04
C ARG A 16 -3.36 -0.36 2.94
N ALA A 17 -3.64 -0.79 1.71
CA ALA A 17 -2.80 -0.44 0.57
C ALA A 17 -3.63 0.23 -0.52
N HIS A 18 -2.95 0.85 -1.48
CA HIS A 18 -3.63 1.51 -2.58
C HIS A 18 -2.74 1.57 -3.81
N VAL A 19 -3.29 1.13 -4.95
CA VAL A 19 -2.57 1.14 -6.22
C VAL A 19 -2.98 2.33 -7.06
N VAL A 20 -2.00 2.97 -7.68
CA VAL A 20 -2.26 4.14 -8.52
C VAL A 20 -2.29 3.72 -9.99
N ARG A 21 -3.28 4.21 -10.72
CA ARG A 21 -3.41 3.88 -12.14
C ARG A 21 -2.19 4.35 -12.93
N THR A 22 -1.74 5.56 -12.64
CA THR A 22 -0.59 6.14 -13.35
C THR A 22 0.59 5.16 -13.31
N GLY A 23 0.55 4.27 -12.33
CA GLY A 23 1.60 3.27 -12.18
C GLY A 23 1.04 2.08 -11.41
N ILE A 24 1.09 0.89 -12.05
CA ILE A 24 0.64 -0.39 -11.47
C ILE A 24 -0.56 -0.91 -12.27
N GLY A 25 -1.05 -0.10 -13.20
CA GLY A 25 -2.18 -0.47 -14.04
C GLY A 25 -1.72 -1.13 -15.33
N ARG A 26 -0.50 -1.67 -15.31
CA ARG A 26 0.07 -2.31 -16.49
C ARG A 26 -0.80 -3.50 -16.93
N ALA A 27 -0.99 -4.45 -16.00
CA ALA A 27 -1.80 -5.62 -16.30
C ALA A 27 -1.86 -6.55 -15.09
N ARG A 28 -0.72 -7.14 -14.74
CA ARG A 28 -0.64 -8.05 -13.59
C ARG A 28 -0.28 -7.28 -12.33
N ALA A 29 0.43 -6.16 -12.50
CA ALA A 29 0.85 -5.36 -11.36
C ALA A 29 -0.37 -4.93 -10.55
N GLU A 30 -1.48 -4.71 -11.23
CA GLU A 30 -2.71 -4.31 -10.56
C GLU A 30 -3.20 -5.44 -9.67
N LEU A 31 -3.09 -6.66 -10.14
CA LEU A 31 -3.53 -7.82 -9.37
C LEU A 31 -3.13 -7.67 -7.89
N PHE A 32 -2.19 -6.78 -7.63
CA PHE A 32 -1.70 -6.50 -6.28
C PHE A 32 -2.83 -6.01 -5.37
N GLU A 33 -3.67 -5.11 -5.89
CA GLU A 33 -4.77 -4.56 -5.11
C GLU A 33 -5.82 -5.64 -4.83
N LYS A 34 -5.99 -6.57 -5.75
CA LYS A 34 -6.97 -7.64 -5.57
C LYS A 34 -6.54 -8.60 -4.47
N GLN A 35 -5.36 -9.17 -4.64
CA GLN A 35 -4.83 -10.11 -3.65
C GLN A 35 -4.89 -9.48 -2.27
N ILE A 36 -4.74 -8.16 -2.22
CA ILE A 36 -4.81 -7.44 -0.95
C ILE A 36 -6.20 -7.53 -0.34
N VAL A 37 -7.22 -7.29 -1.16
CA VAL A 37 -8.59 -7.34 -0.70
C VAL A 37 -8.96 -8.76 -0.26
N GLN A 38 -8.55 -9.73 -1.07
CA GLN A 38 -8.84 -11.12 -0.77
C GLN A 38 -8.25 -11.50 0.59
N HIS A 39 -7.19 -10.80 0.97
CA HIS A 39 -6.53 -11.07 2.26
C HIS A 39 -7.30 -10.43 3.40
N GLY A 40 -8.38 -9.72 3.05
CA GLY A 40 -9.21 -9.06 4.06
C GLY A 40 -8.85 -7.58 4.18
N GLY A 41 -7.86 -7.15 3.39
CA GLY A 41 -7.44 -5.75 3.41
C GLY A 41 -8.24 -4.93 2.41
N GLN A 42 -9.36 -4.41 2.88
CA GLN A 42 -10.22 -3.60 2.03
C GLN A 42 -9.45 -2.38 1.54
N LEU A 43 -9.76 -1.96 0.32
CA LEU A 43 -9.09 -0.80 -0.26
C LEU A 43 -9.88 0.46 0.05
N CYS A 44 -9.33 1.31 0.90
CA CYS A 44 -9.99 2.57 1.26
C CYS A 44 -9.09 3.74 0.87
N PRO A 45 -9.18 4.23 -0.37
CA PRO A 45 -8.33 5.37 -0.82
C PRO A 45 -8.46 6.60 0.07
N ALA A 46 -8.09 7.76 -0.47
CA ALA A 46 -8.16 9.02 0.28
C ALA A 46 -9.56 9.23 0.83
N GLN A 47 -10.46 8.30 0.53
CA GLN A 47 -11.82 8.41 1.00
C GLN A 47 -11.86 8.38 2.52
N GLY A 48 -10.79 7.87 3.13
CA GLY A 48 -10.72 7.80 4.58
C GLY A 48 -9.26 7.77 5.07
N PRO A 49 -9.03 8.09 6.33
CA PRO A 49 -7.66 8.07 6.91
C PRO A 49 -6.96 6.72 6.68
N GLY A 50 -7.72 5.73 6.23
CA GLY A 50 -7.17 4.41 5.97
C GLY A 50 -5.94 4.49 5.06
N VAL A 51 -6.03 3.86 3.88
CA VAL A 51 -4.93 3.86 2.89
C VAL A 51 -3.62 4.42 3.49
N THR A 52 -2.99 3.62 4.33
CA THR A 52 -1.76 4.06 4.99
C THR A 52 -0.55 3.79 4.08
N HIS A 53 -0.70 2.83 3.17
CA HIS A 53 0.39 2.48 2.25
C HIS A 53 -0.03 2.77 0.82
N ILE A 54 0.90 3.30 0.02
CA ILE A 54 0.62 3.59 -1.37
C ILE A 54 1.69 2.98 -2.24
N VAL A 55 1.32 1.97 -3.02
CA VAL A 55 2.28 1.31 -3.90
C VAL A 55 2.19 1.90 -5.30
N VAL A 56 3.35 2.20 -5.88
CA VAL A 56 3.41 2.77 -7.23
C VAL A 56 4.37 1.97 -8.10
N ASP A 57 4.29 2.20 -9.42
CA ASP A 57 5.15 1.48 -10.35
C ASP A 57 6.56 2.05 -10.34
N GLU A 58 6.85 2.85 -9.32
CA GLU A 58 8.17 3.47 -9.19
C GLU A 58 8.41 4.45 -10.34
N GLY A 59 7.45 4.52 -11.26
CA GLY A 59 7.57 5.42 -12.40
C GLY A 59 7.32 6.87 -11.99
N MET A 60 6.22 7.10 -11.28
CA MET A 60 5.86 8.44 -10.82
C MET A 60 6.49 8.73 -9.47
N ASP A 61 6.66 10.01 -9.17
CA ASP A 61 7.23 10.41 -7.90
C ASP A 61 6.17 10.45 -6.82
N TYR A 62 6.60 10.52 -5.57
CA TYR A 62 5.67 10.57 -4.45
C TYR A 62 4.74 11.77 -4.60
N GLU A 63 5.33 12.93 -4.87
CA GLU A 63 4.55 14.15 -5.00
C GLU A 63 3.43 13.98 -6.02
N ARG A 64 3.70 13.25 -7.08
CA ARG A 64 2.71 13.01 -8.10
C ARG A 64 1.62 12.08 -7.59
N ALA A 65 2.03 10.99 -6.97
CA ALA A 65 1.06 10.02 -6.50
C ALA A 65 -0.04 10.69 -5.67
N LEU A 66 0.30 11.77 -4.97
CA LEU A 66 -0.69 12.46 -4.15
C LEU A 66 -1.86 12.96 -4.99
N ARG A 67 -1.56 13.62 -6.10
CA ARG A 67 -2.62 14.15 -6.95
C ARG A 67 -3.38 13.04 -7.67
N LEU A 68 -2.65 12.06 -8.18
CA LEU A 68 -3.25 10.95 -8.91
C LEU A 68 -4.16 10.11 -8.03
N LEU A 69 -3.69 9.83 -6.82
CA LEU A 69 -4.48 9.03 -5.88
C LEU A 69 -5.47 9.89 -5.11
N ARG A 70 -5.40 11.21 -5.36
CA ARG A 70 -6.28 12.17 -4.69
C ARG A 70 -5.95 12.27 -3.20
N LEU A 71 -4.73 12.69 -2.88
CA LEU A 71 -4.30 12.85 -1.49
C LEU A 71 -3.68 14.23 -1.27
N PRO A 72 -4.31 15.11 -0.53
CA PRO A 72 -3.74 16.46 -0.24
C PRO A 72 -2.32 16.38 0.33
N GLN A 73 -2.13 15.42 1.24
CA GLN A 73 -0.82 15.24 1.87
C GLN A 73 -0.83 14.00 2.77
N LEU A 74 0.17 13.14 2.60
CA LEU A 74 0.27 11.91 3.39
C LEU A 74 -0.18 12.15 4.85
N PRO A 75 -1.41 11.78 5.20
CA PRO A 75 -1.93 11.99 6.59
C PRO A 75 -0.92 11.56 7.67
N PRO A 76 -1.28 11.68 8.93
CA PRO A 76 -0.37 11.32 10.07
C PRO A 76 0.17 9.89 9.97
N GLY A 77 -0.72 8.95 9.62
CA GLY A 77 -0.35 7.54 9.51
C GLY A 77 -0.48 7.07 8.07
N ALA A 78 0.40 7.58 7.20
CA ALA A 78 0.38 7.19 5.81
C ALA A 78 1.69 7.55 5.13
N GLN A 79 2.18 6.65 4.29
CA GLN A 79 3.44 6.86 3.59
C GLN A 79 3.39 6.25 2.21
N LEU A 80 4.16 6.82 1.28
CA LEU A 80 4.20 6.32 -0.09
C LEU A 80 5.33 5.33 -0.29
N VAL A 81 4.97 4.08 -0.52
CA VAL A 81 5.95 3.01 -0.73
C VAL A 81 5.92 2.56 -2.18
N LYS A 82 6.93 1.80 -2.56
CA LYS A 82 7.03 1.30 -3.94
C LYS A 82 6.52 -0.13 -4.03
N SER A 83 6.63 -0.70 -5.22
CA SER A 83 6.18 -2.07 -5.45
C SER A 83 7.01 -3.04 -4.63
N ALA A 84 8.30 -2.78 -4.52
CA ALA A 84 9.18 -3.65 -3.75
C ALA A 84 8.62 -3.85 -2.35
N TRP A 85 8.14 -2.76 -1.75
CA TRP A 85 7.58 -2.84 -0.40
C TRP A 85 6.38 -3.78 -0.38
N LEU A 86 5.41 -3.53 -1.26
CA LEU A 86 4.21 -4.34 -1.29
C LEU A 86 4.58 -5.79 -1.63
N SER A 87 5.30 -5.97 -2.73
CA SER A 87 5.70 -7.31 -3.14
C SER A 87 6.36 -8.05 -1.99
N LEU A 88 7.28 -7.38 -1.31
CA LEU A 88 7.97 -7.99 -0.18
C LEU A 88 6.99 -8.28 0.94
N CYS A 89 6.27 -7.25 1.39
CA CYS A 89 5.31 -7.42 2.47
C CYS A 89 4.39 -8.60 2.18
N LEU A 90 4.15 -8.83 0.91
CA LEU A 90 3.29 -9.93 0.49
C LEU A 90 3.95 -11.28 0.76
N GLN A 91 5.18 -11.45 0.26
CA GLN A 91 5.92 -12.68 0.45
C GLN A 91 6.27 -12.87 1.92
N GLU A 92 6.61 -11.78 2.58
CA GLU A 92 6.98 -11.84 4.00
C GLU A 92 5.73 -11.92 4.87
N ARG A 93 4.58 -12.13 4.21
CA ARG A 93 3.30 -12.24 4.91
C ARG A 93 3.24 -11.30 6.12
N ARG A 94 3.91 -10.15 5.99
CA ARG A 94 3.94 -9.18 7.08
C ARG A 94 4.27 -7.80 6.53
N LEU A 95 4.28 -6.81 7.41
CA LEU A 95 4.58 -5.44 7.01
C LEU A 95 6.05 -5.14 7.17
N VAL A 96 6.70 -4.75 6.07
CA VAL A 96 8.13 -4.44 6.07
C VAL A 96 8.34 -2.93 6.14
N ASP A 97 9.47 -2.52 6.71
CA ASP A 97 9.79 -1.11 6.83
C ASP A 97 9.91 -0.47 5.47
N VAL A 98 9.59 0.82 5.39
CA VAL A 98 9.65 1.56 4.13
C VAL A 98 10.90 2.42 4.08
N ALA A 99 11.77 2.27 5.09
CA ALA A 99 12.99 3.05 5.15
C ALA A 99 13.95 2.66 4.03
N GLY A 100 13.46 2.76 2.80
CA GLY A 100 14.28 2.42 1.64
C GLY A 100 13.42 2.32 0.38
N PHE A 101 12.21 1.80 0.52
CA PHE A 101 11.30 1.66 -0.62
C PHE A 101 10.45 2.93 -0.78
N SER A 102 10.38 3.71 0.29
CA SER A 102 9.59 4.94 0.26
C SER A 102 10.28 5.99 -0.60
N ILE A 103 9.47 6.68 -1.41
CA ILE A 103 9.99 7.72 -2.29
C ILE A 103 10.13 9.03 -1.54
N PHE A 104 8.98 9.62 -1.20
CA PHE A 104 8.93 10.89 -0.47
C PHE A 104 9.56 12.04 -1.28
N ILE A 105 10.58 11.71 -2.09
CA ILE A 105 11.33 12.67 -2.92
C ILE A 105 12.76 12.15 -3.14
N PRO A 106 13.50 11.85 -2.09
CA PRO A 106 14.91 11.38 -2.23
C PRO A 106 15.02 10.12 -3.10
N GLY A 1 -10.09 -11.73 23.45
CA GLY A 1 -8.76 -11.15 23.12
C GLY A 1 -8.20 -11.80 21.86
N SER A 2 -7.24 -12.70 22.05
CA SER A 2 -6.63 -13.40 20.92
C SER A 2 -6.09 -14.76 21.35
N ASN A 3 -6.84 -15.80 21.05
CA ASN A 3 -6.43 -17.16 21.41
C ASN A 3 -5.13 -17.53 20.72
N SER A 4 -5.01 -17.16 19.44
CA SER A 4 -3.82 -17.46 18.67
C SER A 4 -2.91 -16.24 18.58
N GLY A 5 -1.62 -16.44 18.79
CA GLY A 5 -0.66 -15.35 18.73
C GLY A 5 -0.58 -14.76 17.33
N GLU A 6 -0.62 -15.62 16.32
CA GLU A 6 -0.57 -15.19 14.93
C GLU A 6 -1.92 -15.38 14.25
N GLU A 7 -2.33 -14.38 13.49
CA GLU A 7 -3.62 -14.45 12.80
C GLU A 7 -3.58 -15.51 11.72
N ALA A 8 -2.54 -15.47 10.88
CA ALA A 8 -2.41 -16.44 9.80
C ALA A 8 -3.68 -16.46 8.95
N GLU A 9 -4.31 -15.30 8.78
CA GLU A 9 -5.53 -15.22 7.99
C GLU A 9 -5.85 -13.76 7.68
N GLU A 10 -5.61 -12.88 8.64
CA GLU A 10 -5.87 -11.45 8.45
C GLU A 10 -4.75 -10.61 9.06
N TRP A 11 -3.76 -10.28 8.23
CA TRP A 11 -2.62 -9.48 8.68
C TRP A 11 -2.66 -8.09 8.06
N LEU A 12 -3.05 -8.02 6.79
CA LEU A 12 -3.14 -6.75 6.09
C LEU A 12 -4.43 -6.04 6.46
N SER A 13 -5.22 -6.66 7.34
CA SER A 13 -6.49 -6.08 7.74
C SER A 13 -6.31 -4.65 8.26
N SER A 14 -5.36 -4.48 9.16
CA SER A 14 -5.09 -3.15 9.71
C SER A 14 -4.42 -2.26 8.69
N LEU A 15 -3.55 -2.83 7.88
CA LEU A 15 -2.84 -2.07 6.86
C LEU A 15 -3.75 -1.73 5.70
N ARG A 16 -3.60 -0.51 5.18
CA ARG A 16 -4.40 -0.06 4.05
C ARG A 16 -3.50 0.41 2.92
N ALA A 17 -3.35 -0.43 1.91
CA ALA A 17 -2.50 -0.10 0.77
C ALA A 17 -3.32 0.56 -0.34
N HIS A 18 -2.63 1.12 -1.33
CA HIS A 18 -3.31 1.77 -2.44
C HIS A 18 -2.42 1.80 -3.67
N VAL A 19 -2.93 1.26 -4.78
CA VAL A 19 -2.17 1.24 -6.03
C VAL A 19 -2.71 2.31 -6.97
N VAL A 20 -1.80 2.92 -7.74
CA VAL A 20 -2.18 3.97 -8.68
C VAL A 20 -2.34 3.40 -10.08
N ARG A 21 -3.04 4.12 -10.94
CA ARG A 21 -3.25 3.67 -12.31
C ARG A 21 -2.05 3.97 -13.18
N THR A 22 -1.71 5.25 -13.30
CA THR A 22 -0.57 5.66 -14.10
C THR A 22 0.64 4.81 -13.76
N GLY A 23 0.54 4.03 -12.69
CA GLY A 23 1.62 3.17 -12.29
C GLY A 23 1.06 1.98 -11.56
N ILE A 24 1.28 0.78 -12.10
CA ILE A 24 0.83 -0.49 -11.49
C ILE A 24 -0.41 -1.00 -12.21
N GLY A 25 -1.04 -0.12 -12.96
CA GLY A 25 -2.24 -0.49 -13.70
C GLY A 25 -1.88 -1.32 -14.92
N ARG A 26 -0.79 -2.06 -14.83
CA ARG A 26 -0.33 -2.88 -15.94
C ARG A 26 -1.31 -4.02 -16.21
N ALA A 27 -1.50 -4.88 -15.21
CA ALA A 27 -2.41 -6.01 -15.34
C ALA A 27 -2.29 -6.93 -14.12
N ARG A 28 -1.10 -7.49 -13.92
CA ARG A 28 -0.88 -8.37 -12.80
C ARG A 28 -0.46 -7.57 -11.56
N ALA A 29 0.25 -6.47 -11.79
CA ALA A 29 0.72 -5.63 -10.70
C ALA A 29 -0.48 -5.07 -9.92
N GLU A 30 -1.54 -4.75 -10.63
CA GLU A 30 -2.74 -4.21 -10.00
C GLU A 30 -3.39 -5.26 -9.13
N LEU A 31 -3.45 -6.47 -9.62
CA LEU A 31 -4.04 -7.57 -8.87
C LEU A 31 -3.55 -7.57 -7.42
N PHE A 32 -2.50 -6.80 -7.17
CA PHE A 32 -1.91 -6.74 -5.84
C PHE A 32 -2.94 -6.33 -4.81
N GLU A 33 -3.68 -5.29 -5.11
CA GLU A 33 -4.71 -4.80 -4.20
C GLU A 33 -5.77 -5.86 -3.97
N LYS A 34 -6.14 -6.57 -5.04
CA LYS A 34 -7.16 -7.60 -4.93
C LYS A 34 -6.77 -8.62 -3.87
N GLN A 35 -5.52 -9.07 -3.91
CA GLN A 35 -5.03 -10.03 -2.93
C GLN A 35 -5.03 -9.42 -1.54
N ILE A 36 -4.67 -8.15 -1.46
CA ILE A 36 -4.63 -7.45 -0.18
C ILE A 36 -6.03 -7.35 0.41
N VAL A 37 -7.01 -7.01 -0.41
CA VAL A 37 -8.38 -6.88 0.03
C VAL A 37 -8.88 -8.22 0.58
N GLN A 38 -8.60 -9.29 -0.14
CA GLN A 38 -9.03 -10.62 0.27
C GLN A 38 -8.42 -10.97 1.62
N HIS A 39 -7.28 -10.36 1.93
CA HIS A 39 -6.61 -10.61 3.20
C HIS A 39 -7.26 -9.80 4.32
N GLY A 40 -8.30 -9.05 3.96
CA GLY A 40 -9.01 -8.23 4.94
C GLY A 40 -8.54 -6.77 4.88
N GLY A 41 -7.37 -6.56 4.30
CA GLY A 41 -6.82 -5.21 4.17
C GLY A 41 -7.59 -4.41 3.13
N GLN A 42 -8.58 -3.66 3.60
CA GLN A 42 -9.39 -2.85 2.70
C GLN A 42 -8.63 -1.59 2.28
N LEU A 43 -8.84 -1.15 1.04
CA LEU A 43 -8.17 0.04 0.52
C LEU A 43 -9.15 1.18 0.40
N CYS A 44 -8.65 2.39 0.64
CA CYS A 44 -9.49 3.58 0.56
C CYS A 44 -8.63 4.84 0.47
N PRO A 45 -8.30 5.28 -0.72
CA PRO A 45 -7.46 6.50 -0.94
C PRO A 45 -8.20 7.78 -0.55
N ALA A 46 -7.65 8.91 -0.95
CA ALA A 46 -8.26 10.21 -0.64
C ALA A 46 -9.78 10.13 -0.76
N GLN A 47 -10.25 9.22 -1.59
CA GLN A 47 -11.68 9.04 -1.79
C GLN A 47 -12.35 8.57 -0.48
N GLY A 48 -11.54 8.43 0.56
CA GLY A 48 -12.05 7.98 1.84
C GLY A 48 -10.92 7.50 2.75
N PRO A 49 -11.16 7.42 4.02
CA PRO A 49 -10.14 6.96 5.01
C PRO A 49 -9.77 5.50 4.81
N GLY A 50 -8.48 5.19 5.03
CA GLY A 50 -8.00 3.82 4.89
C GLY A 50 -6.97 3.73 3.77
N VAL A 51 -5.83 4.37 3.98
CA VAL A 51 -4.76 4.35 2.98
C VAL A 51 -3.42 4.74 3.63
N THR A 52 -2.93 3.89 4.50
CA THR A 52 -1.67 4.17 5.18
C THR A 52 -0.49 3.97 4.24
N HIS A 53 -0.62 3.01 3.32
CA HIS A 53 0.46 2.72 2.37
C HIS A 53 0.00 2.97 0.94
N ILE A 54 0.93 3.42 0.09
CA ILE A 54 0.61 3.69 -1.30
C ILE A 54 1.73 3.18 -2.19
N VAL A 55 1.46 2.14 -2.95
CA VAL A 55 2.45 1.56 -3.86
C VAL A 55 2.30 2.14 -5.26
N VAL A 56 3.44 2.39 -5.89
CA VAL A 56 3.46 2.92 -7.26
C VAL A 56 4.41 2.11 -8.14
N ASP A 57 4.30 2.32 -9.44
CA ASP A 57 5.15 1.61 -10.40
C ASP A 57 6.57 2.14 -10.35
N GLU A 58 6.87 2.91 -9.31
CA GLU A 58 8.21 3.48 -9.16
C GLU A 58 8.49 4.50 -10.26
N GLY A 59 7.68 4.46 -11.31
CA GLY A 59 7.87 5.38 -12.43
C GLY A 59 7.64 6.81 -11.99
N MET A 60 6.53 7.06 -11.30
CA MET A 60 6.21 8.41 -10.83
C MET A 60 6.80 8.64 -9.44
N ASP A 61 6.97 9.90 -9.09
CA ASP A 61 7.52 10.25 -7.78
C ASP A 61 6.40 10.39 -6.76
N TYR A 62 6.78 10.72 -5.53
CA TYR A 62 5.81 10.90 -4.46
C TYR A 62 4.94 12.13 -4.73
N GLU A 63 5.56 13.16 -5.26
CA GLU A 63 4.84 14.41 -5.51
C GLU A 63 3.66 14.20 -6.43
N ARG A 64 3.90 13.46 -7.51
CA ARG A 64 2.85 13.20 -8.48
C ARG A 64 1.93 12.08 -8.00
N ALA A 65 2.45 11.23 -7.12
CA ALA A 65 1.66 10.12 -6.60
C ALA A 65 0.39 10.64 -5.95
N LEU A 66 0.48 11.77 -5.27
CA LEU A 66 -0.69 12.35 -4.60
C LEU A 66 -1.78 12.68 -5.62
N ARG A 67 -1.36 13.11 -6.80
CA ARG A 67 -2.31 13.46 -7.84
C ARG A 67 -3.11 12.25 -8.25
N LEU A 68 -2.47 11.09 -8.28
CA LEU A 68 -3.16 9.87 -8.66
C LEU A 68 -4.27 9.54 -7.68
N LEU A 69 -3.99 9.71 -6.42
CA LEU A 69 -4.96 9.41 -5.36
C LEU A 69 -5.67 10.69 -4.95
N ARG A 70 -5.39 11.77 -5.65
CA ARG A 70 -6.01 13.05 -5.34
C ARG A 70 -5.85 13.36 -3.86
N LEU A 71 -4.83 12.77 -3.24
CA LEU A 71 -4.59 13.00 -1.83
C LEU A 71 -3.74 14.25 -1.60
N PRO A 72 -4.23 15.22 -0.87
CA PRO A 72 -3.49 16.49 -0.62
C PRO A 72 -2.28 16.28 0.29
N GLN A 73 -2.25 15.15 1.00
CA GLN A 73 -1.17 14.85 1.91
C GLN A 73 -1.42 13.54 2.65
N LEU A 74 -0.34 12.87 3.06
CA LEU A 74 -0.47 11.61 3.76
C LEU A 74 -0.65 11.84 5.26
N PRO A 75 -1.49 11.07 5.91
CA PRO A 75 -1.73 11.20 7.38
C PRO A 75 -0.54 10.67 8.18
N PRO A 76 -0.48 11.00 9.45
CA PRO A 76 0.62 10.56 10.35
C PRO A 76 1.01 9.11 10.10
N GLY A 77 2.31 8.85 10.05
CA GLY A 77 2.81 7.50 9.82
C GLY A 77 2.77 7.17 8.34
N ALA A 78 1.54 7.02 7.80
CA ALA A 78 1.35 6.69 6.39
C ALA A 78 2.49 7.23 5.54
N GLN A 79 2.79 6.56 4.45
CA GLN A 79 3.89 7.00 3.59
C GLN A 79 3.76 6.35 2.22
N LEU A 80 4.32 7.01 1.21
CA LEU A 80 4.25 6.49 -0.14
C LEU A 80 5.39 5.52 -0.40
N VAL A 81 5.05 4.24 -0.57
CA VAL A 81 6.04 3.22 -0.82
C VAL A 81 6.03 2.82 -2.29
N LYS A 82 6.99 2.00 -2.68
CA LYS A 82 7.09 1.56 -4.07
C LYS A 82 6.57 0.14 -4.22
N SER A 83 6.73 -0.41 -5.42
CA SER A 83 6.27 -1.76 -5.70
C SER A 83 7.02 -2.78 -4.84
N ALA A 84 8.31 -2.52 -4.63
CA ALA A 84 9.14 -3.41 -3.84
C ALA A 84 8.52 -3.64 -2.46
N TRP A 85 7.90 -2.61 -1.91
CA TRP A 85 7.27 -2.72 -0.61
C TRP A 85 6.05 -3.62 -0.68
N LEU A 86 5.23 -3.43 -1.70
CA LEU A 86 4.03 -4.22 -1.86
C LEU A 86 4.37 -5.67 -2.15
N SER A 87 5.09 -5.89 -3.24
CA SER A 87 5.46 -7.24 -3.64
C SER A 87 5.96 -8.04 -2.45
N LEU A 88 7.01 -7.53 -1.80
CA LEU A 88 7.58 -8.22 -0.65
C LEU A 88 6.54 -8.36 0.45
N CYS A 89 5.93 -7.26 0.83
CA CYS A 89 4.92 -7.30 1.89
C CYS A 89 3.82 -8.29 1.54
N LEU A 90 3.56 -8.45 0.25
CA LEU A 90 2.52 -9.37 -0.19
C LEU A 90 2.90 -10.82 0.08
N GLN A 91 4.05 -11.22 -0.43
CA GLN A 91 4.52 -12.59 -0.27
C GLN A 91 5.08 -12.81 1.13
N GLU A 92 5.78 -11.81 1.64
CA GLU A 92 6.39 -11.91 2.97
C GLU A 92 5.35 -12.31 3.99
N ARG A 93 4.20 -11.62 3.98
CA ARG A 93 3.12 -11.91 4.91
C ARG A 93 3.31 -11.16 6.22
N ARG A 94 3.98 -10.02 6.15
CA ARG A 94 4.23 -9.22 7.35
C ARG A 94 4.55 -7.78 6.97
N LEU A 95 4.97 -7.00 7.95
CA LEU A 95 5.31 -5.60 7.71
C LEU A 95 6.78 -5.46 7.40
N VAL A 96 7.10 -4.66 6.37
CA VAL A 96 8.50 -4.44 5.96
C VAL A 96 8.85 -2.96 6.06
N ASP A 97 10.13 -2.68 6.24
CA ASP A 97 10.59 -1.31 6.35
C ASP A 97 10.28 -0.53 5.08
N VAL A 98 9.98 0.76 5.23
CA VAL A 98 9.66 1.61 4.10
C VAL A 98 10.84 2.51 3.77
N ALA A 99 11.69 2.77 4.76
CA ALA A 99 12.85 3.64 4.57
C ALA A 99 13.76 3.07 3.49
N GLY A 100 13.30 3.06 2.25
CA GLY A 100 14.08 2.55 1.15
C GLY A 100 13.21 2.33 -0.09
N PHE A 101 11.92 2.09 0.13
CA PHE A 101 10.98 1.87 -0.98
C PHE A 101 10.08 3.08 -1.17
N SER A 102 10.22 4.08 -0.30
CA SER A 102 9.42 5.29 -0.38
C SER A 102 10.24 6.45 -0.94
N ILE A 103 9.72 7.06 -2.00
CA ILE A 103 10.40 8.19 -2.63
C ILE A 103 10.48 9.34 -1.67
N PHE A 104 9.32 9.69 -1.09
CA PHE A 104 9.26 10.80 -0.15
C PHE A 104 9.55 12.12 -0.83
N ILE A 105 10.50 12.10 -1.79
CA ILE A 105 10.93 13.29 -2.53
C ILE A 105 12.34 13.08 -3.09
N PRO A 106 13.28 12.74 -2.24
CA PRO A 106 14.69 12.55 -2.67
C PRO A 106 14.83 11.44 -3.71
N GLY A 1 -2.62 -27.03 11.62
CA GLY A 1 -3.17 -27.84 12.74
C GLY A 1 -4.69 -27.73 12.74
N SER A 2 -5.23 -26.89 13.62
CA SER A 2 -6.66 -26.71 13.71
C SER A 2 -7.18 -25.93 12.50
N ASN A 3 -8.40 -26.26 12.07
CA ASN A 3 -9.00 -25.58 10.92
C ASN A 3 -9.21 -24.11 11.22
N SER A 4 -9.64 -23.80 12.44
CA SER A 4 -9.88 -22.43 12.84
C SER A 4 -11.04 -21.83 12.05
N GLY A 5 -10.83 -21.65 10.75
CA GLY A 5 -11.86 -21.08 9.89
C GLY A 5 -11.94 -19.57 10.07
N GLU A 6 -11.18 -19.05 11.04
CA GLU A 6 -11.18 -17.61 11.30
C GLU A 6 -9.89 -17.21 12.00
N GLU A 7 -8.80 -17.19 11.25
CA GLU A 7 -7.50 -16.82 11.80
C GLU A 7 -7.50 -15.36 12.24
N ALA A 8 -8.05 -14.50 11.39
CA ALA A 8 -8.12 -13.07 11.68
C ALA A 8 -6.85 -12.59 12.37
N GLU A 9 -5.70 -12.93 11.80
CA GLU A 9 -4.42 -12.52 12.38
C GLU A 9 -4.26 -11.01 12.32
N GLU A 10 -4.70 -10.43 11.21
CA GLU A 10 -4.59 -8.98 11.04
C GLU A 10 -3.20 -8.50 11.42
N TRP A 11 -2.25 -8.57 10.48
CA TRP A 11 -0.88 -8.13 10.72
C TRP A 11 -0.63 -6.76 10.10
N LEU A 12 -0.98 -6.62 8.82
CA LEU A 12 -0.79 -5.36 8.13
C LEU A 12 -1.91 -4.39 8.46
N SER A 13 -2.85 -4.82 9.27
CA SER A 13 -3.97 -3.98 9.65
C SER A 13 -3.50 -2.81 10.49
N SER A 14 -2.28 -2.92 11.01
CA SER A 14 -1.71 -1.85 11.84
C SER A 14 -1.48 -0.60 11.01
N LEU A 15 -1.49 -0.75 9.70
CA LEU A 15 -1.26 0.36 8.78
C LEU A 15 -2.27 0.32 7.63
N ARG A 16 -2.34 1.40 6.85
CA ARG A 16 -3.26 1.49 5.72
C ARG A 16 -2.49 1.60 4.42
N ALA A 17 -2.68 0.62 3.55
CA ALA A 17 -2.01 0.62 2.26
C ALA A 17 -2.91 1.19 1.19
N HIS A 18 -2.31 1.60 0.08
CA HIS A 18 -3.07 2.17 -1.03
C HIS A 18 -2.33 1.96 -2.35
N VAL A 19 -2.97 1.24 -3.25
CA VAL A 19 -2.39 0.95 -4.57
C VAL A 19 -3.10 1.75 -5.65
N VAL A 20 -2.32 2.35 -6.54
CA VAL A 20 -2.87 3.14 -7.61
C VAL A 20 -3.49 2.23 -8.67
N ARG A 21 -4.81 2.08 -8.61
CA ARG A 21 -5.51 1.25 -9.58
C ARG A 21 -5.25 1.73 -10.99
N THR A 22 -5.20 3.05 -11.16
CA THR A 22 -4.96 3.62 -12.48
C THR A 22 -3.49 3.48 -12.86
N GLY A 23 -2.64 3.21 -11.86
CA GLY A 23 -1.20 3.06 -12.10
C GLY A 23 -0.82 1.59 -12.22
N ILE A 24 -1.09 0.84 -11.16
CA ILE A 24 -0.77 -0.59 -11.13
C ILE A 24 -1.90 -1.39 -11.75
N GLY A 25 -2.03 -1.28 -13.05
CA GLY A 25 -3.07 -2.01 -13.79
C GLY A 25 -2.44 -2.98 -14.78
N ARG A 26 -1.20 -3.38 -14.51
CA ARG A 26 -0.50 -4.31 -15.39
C ARG A 26 -1.03 -5.73 -15.22
N ALA A 27 -0.85 -6.28 -14.02
CA ALA A 27 -1.32 -7.63 -13.72
C ALA A 27 -0.58 -8.17 -12.51
N ARG A 28 -1.32 -8.85 -11.64
CA ARG A 28 -0.77 -9.44 -10.44
C ARG A 28 -0.35 -8.36 -9.47
N ALA A 29 0.27 -7.32 -9.99
CA ALA A 29 0.73 -6.23 -9.16
C ALA A 29 -0.47 -5.51 -8.54
N GLU A 30 -1.60 -5.54 -9.23
CA GLU A 30 -2.80 -4.90 -8.74
C GLU A 30 -3.33 -5.63 -7.52
N LEU A 31 -3.27 -6.95 -7.56
CA LEU A 31 -3.78 -7.76 -6.46
C LEU A 31 -3.22 -7.26 -5.12
N PHE A 32 -2.14 -6.52 -5.20
CA PHE A 32 -1.50 -6.00 -4.01
C PHE A 32 -2.53 -5.45 -3.03
N GLU A 33 -3.40 -4.60 -3.51
CA GLU A 33 -4.42 -4.01 -2.66
C GLU A 33 -5.38 -5.09 -2.14
N LYS A 34 -5.78 -5.98 -3.03
CA LYS A 34 -6.70 -7.04 -2.64
C LYS A 34 -6.07 -7.94 -1.59
N GLN A 35 -4.80 -8.27 -1.79
CA GLN A 35 -4.08 -9.13 -0.86
C GLN A 35 -4.06 -8.49 0.53
N ILE A 36 -4.16 -7.17 0.57
CA ILE A 36 -4.17 -6.44 1.84
C ILE A 36 -5.59 -6.37 2.40
N VAL A 37 -6.58 -6.49 1.53
CA VAL A 37 -7.97 -6.42 1.96
C VAL A 37 -8.41 -7.76 2.58
N GLN A 38 -7.93 -8.85 2.00
CA GLN A 38 -8.29 -10.18 2.48
C GLN A 38 -7.70 -10.44 3.86
N HIS A 39 -6.47 -9.98 4.07
CA HIS A 39 -5.81 -10.17 5.35
C HIS A 39 -6.49 -9.35 6.44
N GLY A 40 -7.45 -8.53 6.04
CA GLY A 40 -8.16 -7.66 6.99
C GLY A 40 -7.61 -6.24 6.94
N GLY A 41 -6.70 -5.97 5.98
CA GLY A 41 -6.14 -4.63 5.83
C GLY A 41 -7.03 -3.77 4.96
N GLN A 42 -7.87 -2.96 5.60
CA GLN A 42 -8.78 -2.09 4.86
C GLN A 42 -7.99 -1.00 4.15
N LEU A 43 -8.45 -0.64 2.94
CA LEU A 43 -7.79 0.40 2.16
C LEU A 43 -8.40 1.75 2.46
N CYS A 44 -7.54 2.75 2.64
CA CYS A 44 -8.01 4.10 2.95
C CYS A 44 -7.88 5.01 1.70
N PRO A 45 -8.97 5.29 1.01
CA PRO A 45 -8.93 6.15 -0.20
C PRO A 45 -8.76 7.63 0.15
N ALA A 46 -8.48 8.44 -0.87
CA ALA A 46 -8.30 9.87 -0.66
C ALA A 46 -9.48 10.46 0.09
N GLN A 47 -10.52 9.66 0.30
CA GLN A 47 -11.70 10.12 1.01
C GLN A 47 -11.43 10.17 2.50
N GLY A 48 -10.29 9.62 2.91
CA GLY A 48 -9.93 9.62 4.33
C GLY A 48 -8.42 9.76 4.52
N PRO A 49 -7.98 10.39 5.59
CA PRO A 49 -6.53 10.59 5.88
C PRO A 49 -5.84 9.28 6.27
N GLY A 50 -6.64 8.29 6.63
CA GLY A 50 -6.09 7.00 7.03
C GLY A 50 -4.96 6.56 6.12
N VAL A 51 -4.97 7.04 4.89
CA VAL A 51 -3.93 6.71 3.92
C VAL A 51 -2.59 7.25 4.38
N THR A 52 -1.55 6.45 4.21
CA THR A 52 -0.20 6.85 4.60
C THR A 52 0.84 6.24 3.67
N HIS A 53 0.56 5.03 3.21
CA HIS A 53 1.49 4.32 2.32
C HIS A 53 0.93 4.25 0.90
N ILE A 54 1.72 4.74 -0.07
CA ILE A 54 1.30 4.72 -1.48
C ILE A 54 2.26 3.90 -2.30
N VAL A 55 1.80 2.73 -2.69
CA VAL A 55 2.61 1.82 -3.50
C VAL A 55 2.32 2.00 -4.98
N VAL A 56 3.37 2.06 -5.78
CA VAL A 56 3.22 2.21 -7.22
C VAL A 56 4.16 1.25 -7.95
N ASP A 57 3.80 0.91 -9.19
CA ASP A 57 4.60 0.00 -10.00
C ASP A 57 5.89 0.67 -10.43
N GLU A 58 6.30 1.70 -9.69
CA GLU A 58 7.52 2.42 -10.00
C GLU A 58 7.40 3.16 -11.33
N GLY A 59 6.37 2.82 -12.09
CA GLY A 59 6.16 3.44 -13.39
C GLY A 59 5.90 4.94 -13.23
N MET A 60 5.11 5.30 -12.23
CA MET A 60 4.79 6.70 -11.96
C MET A 60 5.60 7.23 -10.77
N ASP A 61 5.82 8.54 -10.75
CA ASP A 61 6.57 9.16 -9.66
C ASP A 61 5.62 9.57 -8.54
N TYR A 62 6.19 10.01 -7.43
CA TYR A 62 5.39 10.44 -6.30
C TYR A 62 4.45 11.57 -6.72
N GLU A 63 5.02 12.63 -7.27
CA GLU A 63 4.24 13.78 -7.67
C GLU A 63 3.08 13.34 -8.55
N ARG A 64 3.35 12.39 -9.44
CA ARG A 64 2.33 11.89 -10.33
C ARG A 64 1.33 11.01 -9.58
N ALA A 65 1.84 10.22 -8.63
CA ALA A 65 1.00 9.35 -7.86
C ALA A 65 -0.10 10.12 -7.15
N LEU A 66 0.16 11.38 -6.83
CA LEU A 66 -0.83 12.20 -6.16
C LEU A 66 -2.08 12.36 -7.02
N ARG A 67 -1.88 12.67 -8.28
CA ARG A 67 -3.00 12.86 -9.18
C ARG A 67 -3.70 11.54 -9.48
N LEU A 68 -2.90 10.50 -9.69
CA LEU A 68 -3.44 9.20 -10.01
C LEU A 68 -4.22 8.64 -8.84
N LEU A 69 -3.67 8.75 -7.65
CA LEU A 69 -4.33 8.24 -6.47
C LEU A 69 -5.40 9.21 -5.99
N ARG A 70 -5.36 10.44 -6.52
CA ARG A 70 -6.33 11.46 -6.14
C ARG A 70 -6.00 12.08 -4.80
N LEU A 71 -4.84 12.70 -4.69
CA LEU A 71 -4.45 13.35 -3.45
C LEU A 71 -3.56 14.57 -3.74
N PRO A 72 -4.02 15.77 -3.46
CA PRO A 72 -3.23 17.00 -3.73
C PRO A 72 -2.09 17.18 -2.75
N GLN A 73 -2.09 16.38 -1.68
CA GLN A 73 -1.04 16.48 -0.66
C GLN A 73 -1.29 15.47 0.45
N LEU A 74 -0.24 14.75 0.83
CA LEU A 74 -0.36 13.77 1.90
C LEU A 74 -0.11 14.40 3.27
N PRO A 75 -0.78 13.92 4.29
CA PRO A 75 -0.61 14.47 5.67
C PRO A 75 0.77 14.18 6.26
N PRO A 76 1.12 14.85 7.32
CA PRO A 76 2.44 14.65 7.99
C PRO A 76 2.79 13.16 8.12
N GLY A 77 4.06 12.85 7.91
CA GLY A 77 4.53 11.47 8.00
C GLY A 77 4.25 10.74 6.71
N ALA A 78 2.95 10.58 6.37
CA ALA A 78 2.52 9.88 5.14
C ALA A 78 3.63 9.88 4.10
N GLN A 79 3.86 8.73 3.49
CA GLN A 79 4.92 8.60 2.50
C GLN A 79 4.50 7.68 1.38
N LEU A 80 5.15 7.83 0.23
CA LEU A 80 4.82 7.00 -0.93
C LEU A 80 5.93 6.00 -1.19
N VAL A 81 5.56 4.72 -1.18
CA VAL A 81 6.50 3.65 -1.40
C VAL A 81 6.27 3.03 -2.76
N LYS A 82 7.05 2.00 -3.07
CA LYS A 82 6.93 1.31 -4.36
C LYS A 82 6.34 -0.08 -4.16
N SER A 83 6.25 -0.82 -5.26
CA SER A 83 5.70 -2.17 -5.22
C SER A 83 6.53 -3.07 -4.31
N ALA A 84 7.85 -2.88 -4.34
CA ALA A 84 8.73 -3.68 -3.50
C ALA A 84 8.35 -3.58 -2.03
N TRP A 85 8.12 -2.36 -1.57
CA TRP A 85 7.75 -2.16 -0.17
C TRP A 85 6.50 -2.96 0.16
N LEU A 86 5.58 -3.03 -0.78
CA LEU A 86 4.35 -3.77 -0.55
C LEU A 86 4.63 -5.28 -0.46
N SER A 87 5.15 -5.84 -1.54
CA SER A 87 5.42 -7.27 -1.57
C SER A 87 6.18 -7.68 -0.33
N LEU A 88 7.28 -7.00 -0.07
CA LEU A 88 8.10 -7.32 1.09
C LEU A 88 7.23 -7.44 2.32
N CYS A 89 6.31 -6.50 2.50
CA CYS A 89 5.43 -6.54 3.66
C CYS A 89 4.61 -7.82 3.67
N LEU A 90 4.08 -8.21 2.51
CA LEU A 90 3.26 -9.41 2.43
C LEU A 90 3.97 -10.60 3.07
N GLN A 91 5.15 -10.92 2.58
CA GLN A 91 5.91 -12.05 3.11
C GLN A 91 6.48 -11.72 4.48
N GLU A 92 7.12 -10.57 4.59
CA GLU A 92 7.72 -10.16 5.85
C GLU A 92 6.68 -10.19 6.96
N ARG A 93 5.52 -9.60 6.70
CA ARG A 93 4.43 -9.59 7.67
C ARG A 93 4.68 -8.51 8.74
N ARG A 94 5.17 -7.36 8.31
CA ARG A 94 5.44 -6.28 9.25
C ARG A 94 5.68 -4.98 8.50
N LEU A 95 6.06 -3.95 9.23
CA LEU A 95 6.30 -2.65 8.62
C LEU A 95 7.70 -2.62 8.00
N VAL A 96 7.78 -2.35 6.70
CA VAL A 96 9.06 -2.29 6.00
C VAL A 96 9.52 -0.84 5.86
N ASP A 97 10.82 -0.67 5.74
CA ASP A 97 11.40 0.66 5.62
C ASP A 97 11.04 1.30 4.29
N VAL A 98 10.28 2.38 4.35
CA VAL A 98 9.84 3.07 3.13
C VAL A 98 11.05 3.64 2.39
N ALA A 99 12.00 4.18 3.15
CA ALA A 99 13.20 4.75 2.56
C ALA A 99 13.88 3.76 1.63
N GLY A 100 13.65 2.47 1.88
CA GLY A 100 14.24 1.43 1.06
C GLY A 100 13.67 1.46 -0.36
N PHE A 101 12.36 1.72 -0.47
CA PHE A 101 11.70 1.76 -1.77
C PHE A 101 10.69 2.92 -1.83
N SER A 102 11.10 4.07 -1.33
CA SER A 102 10.25 5.27 -1.32
C SER A 102 10.74 6.29 -2.33
N ILE A 103 9.80 6.81 -3.11
CA ILE A 103 10.13 7.80 -4.13
C ILE A 103 10.37 9.13 -3.48
N PHE A 104 9.31 9.72 -2.96
CA PHE A 104 9.38 11.02 -2.30
C PHE A 104 9.76 12.12 -3.27
N ILE A 105 10.64 11.79 -4.24
CA ILE A 105 11.15 12.72 -5.25
C ILE A 105 12.50 12.22 -5.77
N PRO A 106 13.47 12.01 -4.90
CA PRO A 106 14.83 11.58 -5.31
C PRO A 106 14.82 10.26 -6.08
N GLY A 1 -11.67 -11.63 9.25
CA GLY A 1 -12.10 -12.02 10.61
C GLY A 1 -13.46 -12.71 10.54
N SER A 2 -13.60 -13.63 9.59
CA SER A 2 -14.85 -14.36 9.43
C SER A 2 -15.18 -15.15 10.68
N ASN A 3 -14.16 -15.79 11.26
CA ASN A 3 -14.33 -16.59 12.47
C ASN A 3 -13.22 -16.32 13.47
N SER A 4 -13.60 -16.05 14.71
CA SER A 4 -12.62 -15.76 15.76
C SER A 4 -11.96 -17.06 16.23
N GLY A 5 -10.78 -16.93 16.83
CA GLY A 5 -10.06 -18.10 17.33
C GLY A 5 -8.55 -17.86 17.29
N GLU A 6 -7.96 -18.00 16.10
CA GLU A 6 -6.53 -17.79 15.93
C GLU A 6 -6.26 -16.95 14.69
N GLU A 7 -5.51 -15.87 14.87
CA GLU A 7 -5.16 -14.98 13.77
C GLU A 7 -3.71 -15.11 13.40
N ALA A 8 -3.14 -16.25 13.72
CA ALA A 8 -1.74 -16.50 13.42
C ALA A 8 -1.50 -16.48 11.91
N GLU A 9 -2.34 -15.74 11.19
CA GLU A 9 -2.24 -15.65 9.73
C GLU A 9 -2.65 -14.26 9.26
N GLU A 10 -2.45 -13.26 10.11
CA GLU A 10 -2.79 -11.87 9.78
C GLU A 10 -1.62 -10.94 10.06
N TRP A 11 -0.58 -11.05 9.25
CA TRP A 11 0.60 -10.21 9.40
C TRP A 11 0.41 -8.89 8.65
N LEU A 12 0.00 -8.99 7.40
CA LEU A 12 -0.20 -7.81 6.59
C LEU A 12 -1.29 -6.94 7.19
N SER A 13 -2.28 -7.59 7.76
CA SER A 13 -3.40 -6.87 8.36
C SER A 13 -2.90 -5.87 9.39
N SER A 14 -1.81 -6.24 10.07
CA SER A 14 -1.25 -5.37 11.10
C SER A 14 -1.21 -3.92 10.62
N LEU A 15 -1.16 -3.74 9.31
CA LEU A 15 -1.11 -2.40 8.71
C LEU A 15 -2.15 -2.28 7.60
N ARG A 16 -2.40 -1.05 7.16
CA ARG A 16 -3.36 -0.81 6.09
C ARG A 16 -2.66 -0.25 4.87
N ALA A 17 -2.63 -1.04 3.80
CA ALA A 17 -1.99 -0.64 2.56
C ALA A 17 -3.00 0.04 1.62
N HIS A 18 -2.49 0.70 0.60
CA HIS A 18 -3.34 1.37 -0.37
C HIS A 18 -2.74 1.28 -1.76
N VAL A 19 -3.47 0.70 -2.70
CA VAL A 19 -3.01 0.55 -4.08
C VAL A 19 -3.82 1.46 -5.02
N VAL A 20 -3.11 2.17 -5.89
CA VAL A 20 -3.76 3.07 -6.83
C VAL A 20 -4.49 2.28 -7.91
N ARG A 21 -5.72 2.67 -8.18
CA ARG A 21 -6.54 2.00 -9.19
C ARG A 21 -5.91 2.14 -10.57
N THR A 22 -5.40 3.33 -10.86
CA THR A 22 -4.77 3.59 -12.15
C THR A 22 -3.25 3.61 -12.00
N GLY A 23 -2.57 3.00 -12.96
CA GLY A 23 -1.10 2.94 -12.94
C GLY A 23 -0.63 1.59 -12.46
N ILE A 24 -1.52 0.83 -11.82
CA ILE A 24 -1.19 -0.51 -11.32
C ILE A 24 -2.04 -1.57 -12.02
N GLY A 25 -3.18 -1.15 -12.54
CA GLY A 25 -4.07 -2.10 -13.21
C GLY A 25 -3.47 -2.56 -14.53
N ARG A 26 -2.15 -2.69 -14.57
CA ARG A 26 -1.47 -3.12 -15.79
C ARG A 26 -1.63 -4.63 -15.99
N ALA A 27 -1.14 -5.40 -15.04
CA ALA A 27 -1.22 -6.85 -15.12
C ALA A 27 -0.40 -7.49 -14.01
N ARG A 28 -1.04 -8.35 -13.22
CA ARG A 28 -0.37 -9.04 -12.12
C ARG A 28 0.00 -8.05 -11.02
N ALA A 29 0.30 -6.83 -11.42
CA ALA A 29 0.66 -5.81 -10.46
C ALA A 29 -0.52 -5.52 -9.53
N GLU A 30 -1.72 -5.57 -10.07
CA GLU A 30 -2.90 -5.31 -9.27
C GLU A 30 -3.01 -6.33 -8.14
N LEU A 31 -2.68 -7.56 -8.43
CA LEU A 31 -2.77 -8.62 -7.44
C LEU A 31 -2.24 -8.13 -6.09
N PHE A 32 -1.49 -7.05 -6.12
CA PHE A 32 -0.91 -6.52 -4.91
C PHE A 32 -1.97 -6.32 -3.84
N GLU A 33 -3.06 -5.66 -4.19
CA GLU A 33 -4.14 -5.42 -3.24
C GLU A 33 -4.73 -6.76 -2.78
N LYS A 34 -4.82 -7.71 -3.70
CA LYS A 34 -5.38 -9.01 -3.35
C LYS A 34 -4.52 -9.69 -2.29
N GLN A 35 -3.22 -9.65 -2.50
CA GLN A 35 -2.28 -10.26 -1.55
C GLN A 35 -2.34 -9.54 -0.22
N ILE A 36 -2.87 -8.32 -0.23
CA ILE A 36 -2.98 -7.53 1.00
C ILE A 36 -4.25 -7.88 1.76
N VAL A 37 -5.39 -7.73 1.10
CA VAL A 37 -6.66 -8.02 1.73
C VAL A 37 -6.76 -9.51 2.06
N GLN A 38 -6.30 -10.35 1.14
CA GLN A 38 -6.33 -11.78 1.35
C GLN A 38 -5.67 -12.15 2.67
N HIS A 39 -4.55 -11.50 2.97
CA HIS A 39 -3.82 -11.75 4.22
C HIS A 39 -4.20 -10.71 5.27
N GLY A 40 -5.25 -9.94 4.98
CA GLY A 40 -5.71 -8.91 5.89
C GLY A 40 -5.15 -7.55 5.51
N GLY A 41 -5.98 -6.51 5.61
CA GLY A 41 -5.57 -5.16 5.26
C GLY A 41 -6.55 -4.53 4.28
N GLN A 42 -7.80 -4.39 4.70
CA GLN A 42 -8.83 -3.81 3.85
C GLN A 42 -8.36 -2.48 3.29
N LEU A 43 -8.77 -2.19 2.06
CA LEU A 43 -8.39 -0.94 1.41
C LEU A 43 -9.30 0.20 1.86
N CYS A 44 -8.80 1.42 1.76
CA CYS A 44 -9.58 2.58 2.16
C CYS A 44 -9.04 3.85 1.49
N PRO A 45 -9.87 4.86 1.35
CA PRO A 45 -9.47 6.14 0.72
C PRO A 45 -8.33 6.81 1.47
N ALA A 46 -7.26 7.13 0.75
CA ALA A 46 -6.10 7.77 1.35
C ALA A 46 -6.36 9.26 1.57
N GLN A 47 -7.55 9.70 1.19
CA GLN A 47 -7.91 11.10 1.35
C GLN A 47 -7.89 11.51 2.82
N GLY A 48 -7.54 10.56 3.67
CA GLY A 48 -7.49 10.82 5.10
C GLY A 48 -6.75 9.71 5.83
N PRO A 49 -6.77 9.75 7.14
CA PRO A 49 -6.10 8.72 7.99
C PRO A 49 -6.54 7.31 7.63
N GLY A 50 -7.50 7.21 6.72
CA GLY A 50 -8.01 5.90 6.31
C GLY A 50 -6.90 4.87 6.22
N VAL A 51 -5.93 5.13 5.35
CA VAL A 51 -4.79 4.22 5.16
C VAL A 51 -3.53 4.83 5.78
N THR A 52 -2.39 4.22 5.47
CA THR A 52 -1.11 4.69 5.99
C THR A 52 -0.02 4.61 4.93
N HIS A 53 -0.15 3.65 4.02
CA HIS A 53 0.84 3.47 2.96
C HIS A 53 0.19 3.59 1.58
N ILE A 54 0.98 4.04 0.59
CA ILE A 54 0.46 4.18 -0.77
C ILE A 54 1.47 3.60 -1.75
N VAL A 55 1.09 2.49 -2.36
CA VAL A 55 1.97 1.81 -3.31
C VAL A 55 1.69 2.25 -4.73
N VAL A 56 2.74 2.35 -5.55
CA VAL A 56 2.60 2.76 -6.93
C VAL A 56 3.40 1.86 -7.85
N ASP A 57 2.98 1.77 -9.11
CA ASP A 57 3.68 0.93 -10.08
C ASP A 57 5.03 1.55 -10.47
N GLU A 58 5.52 2.44 -9.62
CA GLU A 58 6.80 3.08 -9.88
C GLU A 58 6.73 4.02 -11.07
N GLY A 59 5.99 3.60 -12.09
CA GLY A 59 5.83 4.40 -13.30
C GLY A 59 5.70 5.87 -12.97
N MET A 60 4.71 6.19 -12.15
CA MET A 60 4.47 7.58 -11.73
C MET A 60 5.30 7.91 -10.49
N ASP A 61 5.51 9.19 -10.26
CA ASP A 61 6.28 9.65 -9.10
C ASP A 61 5.34 10.04 -7.96
N TYR A 62 5.92 10.52 -6.88
CA TYR A 62 5.12 10.93 -5.73
C TYR A 62 4.18 12.07 -6.10
N GLU A 63 4.73 13.08 -6.78
CA GLU A 63 3.95 14.24 -7.15
C GLU A 63 2.68 13.83 -7.89
N ARG A 64 2.84 13.00 -8.91
CA ARG A 64 1.71 12.53 -9.69
C ARG A 64 0.87 11.55 -8.89
N ALA A 65 1.55 10.65 -8.19
CA ALA A 65 0.85 9.63 -7.42
C ALA A 65 -0.32 10.24 -6.65
N LEU A 66 -0.15 11.48 -6.19
CA LEU A 66 -1.20 12.14 -5.44
C LEU A 66 -2.47 12.26 -6.27
N ARG A 67 -2.36 12.97 -7.38
CA ARG A 67 -3.50 13.15 -8.25
C ARG A 67 -3.89 11.84 -8.90
N LEU A 68 -2.94 10.94 -8.97
CA LEU A 68 -3.18 9.65 -9.60
C LEU A 68 -4.25 8.87 -8.86
N LEU A 69 -4.22 8.99 -7.55
CA LEU A 69 -5.18 8.29 -6.70
C LEU A 69 -6.16 9.27 -6.05
N ARG A 70 -6.17 10.50 -6.55
CA ARG A 70 -7.06 11.50 -5.98
C ARG A 70 -6.70 11.80 -4.55
N LEU A 71 -5.45 12.26 -4.34
CA LEU A 71 -5.00 12.60 -2.99
C LEU A 71 -4.49 14.04 -2.92
N PRO A 72 -4.99 14.84 -2.01
CA PRO A 72 -4.54 16.25 -1.88
C PRO A 72 -3.07 16.37 -1.49
N GLN A 73 -2.65 15.55 -0.52
CA GLN A 73 -1.27 15.57 -0.06
C GLN A 73 -1.07 14.61 1.10
N LEU A 74 0.03 13.87 1.05
CA LEU A 74 0.31 12.90 2.08
C LEU A 74 0.01 13.47 3.47
N PRO A 75 -0.94 12.91 4.19
CA PRO A 75 -1.30 13.39 5.54
C PRO A 75 -0.20 13.08 6.58
N PRO A 76 0.06 13.98 7.50
CA PRO A 76 1.09 13.76 8.55
C PRO A 76 1.08 12.34 9.11
N GLY A 77 1.91 11.47 8.54
CA GLY A 77 1.99 10.08 8.99
C GLY A 77 2.16 9.13 7.83
N ALA A 78 1.22 9.18 6.89
CA ALA A 78 1.26 8.30 5.73
C ALA A 78 2.40 8.69 4.79
N GLN A 79 2.81 7.76 3.93
CA GLN A 79 3.90 8.02 3.00
C GLN A 79 3.69 7.22 1.72
N LEU A 80 4.29 7.70 0.63
CA LEU A 80 4.16 7.01 -0.65
C LEU A 80 5.30 6.03 -0.86
N VAL A 81 4.99 4.74 -0.84
CA VAL A 81 5.99 3.72 -1.01
C VAL A 81 5.90 3.15 -2.41
N LYS A 82 6.89 2.35 -2.79
CA LYS A 82 6.92 1.77 -4.13
C LYS A 82 6.45 0.32 -4.13
N SER A 83 6.28 -0.23 -5.33
CA SER A 83 5.84 -1.61 -5.46
C SER A 83 6.80 -2.53 -4.72
N ALA A 84 8.08 -2.20 -4.73
CA ALA A 84 9.08 -3.01 -4.05
C ALA A 84 8.80 -3.09 -2.56
N TRP A 85 8.35 -1.97 -1.99
CA TRP A 85 8.05 -1.93 -0.56
C TRP A 85 6.96 -2.93 -0.22
N LEU A 86 5.87 -2.90 -0.98
CA LEU A 86 4.77 -3.82 -0.72
C LEU A 86 5.21 -5.25 -0.93
N SER A 87 5.78 -5.54 -2.10
CA SER A 87 6.22 -6.89 -2.40
C SER A 87 7.09 -7.41 -1.27
N LEU A 88 8.03 -6.59 -0.84
CA LEU A 88 8.92 -7.00 0.24
C LEU A 88 8.10 -7.51 1.41
N CYS A 89 7.10 -6.76 1.81
CA CYS A 89 6.27 -7.16 2.93
C CYS A 89 5.77 -8.58 2.73
N LEU A 90 5.50 -8.94 1.47
CA LEU A 90 5.02 -10.28 1.16
C LEU A 90 6.12 -11.31 1.36
N GLN A 91 7.25 -11.08 0.71
CA GLN A 91 8.38 -12.00 0.82
C GLN A 91 8.93 -12.00 2.24
N GLU A 92 8.96 -10.82 2.85
CA GLU A 92 9.46 -10.69 4.21
C GLU A 92 8.39 -11.13 5.20
N ARG A 93 7.16 -10.71 4.95
CA ARG A 93 6.03 -11.05 5.83
C ARG A 93 5.97 -10.11 7.03
N ARG A 94 6.22 -8.83 6.80
CA ARG A 94 6.20 -7.86 7.88
C ARG A 94 6.26 -6.45 7.31
N LEU A 95 6.38 -5.47 8.20
CA LEU A 95 6.46 -4.08 7.76
C LEU A 95 7.91 -3.65 7.57
N VAL A 96 8.24 -3.22 6.36
CA VAL A 96 9.61 -2.78 6.05
C VAL A 96 9.68 -1.26 6.00
N ASP A 97 10.85 -0.73 6.30
CA ASP A 97 11.06 0.71 6.29
C ASP A 97 10.95 1.26 4.87
N VAL A 98 10.46 2.49 4.76
CA VAL A 98 10.30 3.12 3.45
C VAL A 98 11.44 4.11 3.20
N ALA A 99 11.09 5.29 2.67
CA ALA A 99 12.08 6.31 2.38
C ALA A 99 12.90 5.93 1.15
N GLY A 100 13.59 4.80 1.23
CA GLY A 100 14.39 4.34 0.11
C GLY A 100 13.52 4.00 -1.09
N PHE A 101 12.53 3.15 -0.86
CA PHE A 101 11.63 2.74 -1.94
C PHE A 101 10.73 3.91 -2.35
N SER A 102 10.22 4.63 -1.34
CA SER A 102 9.35 5.76 -1.60
C SER A 102 10.04 6.80 -2.47
N ILE A 103 9.26 7.57 -3.22
CA ILE A 103 9.82 8.59 -4.10
C ILE A 103 9.95 9.89 -3.36
N PHE A 104 8.83 10.38 -2.85
CA PHE A 104 8.81 11.63 -2.11
C PHE A 104 9.16 12.81 -3.01
N ILE A 105 10.08 12.58 -3.96
CA ILE A 105 10.57 13.61 -4.89
C ILE A 105 11.97 13.23 -5.39
N PRO A 106 12.91 13.02 -4.49
CA PRO A 106 14.31 12.70 -4.87
C PRO A 106 14.39 11.43 -5.73
N GLY A 1 -10.28 -27.93 14.26
CA GLY A 1 -9.63 -27.61 12.95
C GLY A 1 -10.13 -26.26 12.45
N SER A 2 -11.38 -26.23 12.03
CA SER A 2 -11.96 -24.98 11.52
C SER A 2 -12.01 -23.93 12.62
N ASN A 3 -12.03 -24.38 13.87
CA ASN A 3 -12.08 -23.46 15.00
C ASN A 3 -10.81 -22.62 15.06
N SER A 4 -9.68 -23.26 14.81
CA SER A 4 -8.39 -22.56 14.84
C SER A 4 -8.13 -21.98 16.23
N GLY A 5 -6.95 -22.26 16.77
CA GLY A 5 -6.59 -21.77 18.09
C GLY A 5 -6.51 -20.24 18.10
N GLU A 6 -5.91 -19.68 17.05
CA GLU A 6 -5.78 -18.22 16.95
C GLU A 6 -5.63 -17.81 15.48
N GLU A 7 -6.18 -16.65 15.13
CA GLU A 7 -6.11 -16.15 13.78
C GLU A 7 -4.93 -15.18 13.63
N ALA A 8 -3.76 -15.74 13.54
CA ALA A 8 -2.56 -14.95 13.37
C ALA A 8 -2.64 -14.13 12.07
N GLU A 9 -3.74 -14.30 11.34
CA GLU A 9 -3.93 -13.57 10.10
C GLU A 9 -4.26 -12.10 10.37
N GLU A 10 -4.65 -11.38 9.33
CA GLU A 10 -4.99 -9.98 9.47
C GLU A 10 -3.84 -9.21 10.11
N TRP A 11 -2.72 -9.13 9.40
CA TRP A 11 -1.54 -8.42 9.90
C TRP A 11 -1.49 -7.01 9.33
N LEU A 12 -1.95 -6.86 8.10
CA LEU A 12 -1.95 -5.56 7.44
C LEU A 12 -3.18 -4.76 7.85
N SER A 13 -4.01 -5.36 8.70
CA SER A 13 -5.22 -4.69 9.16
C SER A 13 -4.86 -3.38 9.86
N SER A 14 -3.82 -3.40 10.68
CA SER A 14 -3.41 -2.20 11.41
C SER A 14 -3.03 -1.10 10.42
N LEU A 15 -2.01 -1.37 9.61
CA LEU A 15 -1.56 -0.38 8.63
C LEU A 15 -2.54 -0.33 7.47
N ARG A 16 -2.41 0.70 6.63
CA ARG A 16 -3.30 0.87 5.48
C ARG A 16 -2.50 0.97 4.19
N ALA A 17 -2.79 0.06 3.26
CA ALA A 17 -2.11 0.06 1.97
C ALA A 17 -3.02 0.64 0.90
N HIS A 18 -2.54 1.66 0.20
CA HIS A 18 -3.33 2.30 -0.87
C HIS A 18 -2.70 2.01 -2.22
N VAL A 19 -3.47 1.37 -3.10
CA VAL A 19 -3.00 1.03 -4.43
C VAL A 19 -3.74 1.87 -5.47
N VAL A 20 -2.98 2.45 -6.39
CA VAL A 20 -3.56 3.27 -7.44
C VAL A 20 -4.15 2.39 -8.54
N ARG A 21 -5.38 1.95 -8.33
CA ARG A 21 -6.06 1.08 -9.29
C ARG A 21 -6.07 1.74 -10.67
N THR A 22 -6.37 3.03 -10.72
CA THR A 22 -6.40 3.75 -11.98
C THR A 22 -5.02 3.74 -12.64
N GLY A 23 -3.98 3.55 -11.82
CA GLY A 23 -2.62 3.51 -12.35
C GLY A 23 -2.12 2.06 -12.51
N ILE A 24 -1.81 1.42 -11.39
CA ILE A 24 -1.34 0.06 -11.42
C ILE A 24 -2.32 -0.82 -12.18
N GLY A 25 -1.80 -1.44 -13.20
CA GLY A 25 -2.60 -2.35 -14.02
C GLY A 25 -1.75 -3.08 -15.07
N ARG A 26 -0.47 -3.22 -14.78
CA ARG A 26 0.45 -3.89 -15.70
C ARG A 26 0.25 -5.40 -15.68
N ALA A 27 0.18 -5.96 -14.48
CA ALA A 27 0.00 -7.40 -14.34
C ALA A 27 -0.32 -7.77 -12.89
N ARG A 28 0.58 -8.51 -12.26
CA ARG A 28 0.39 -8.93 -10.88
C ARG A 28 0.34 -7.72 -9.95
N ALA A 29 0.87 -6.60 -10.42
CA ALA A 29 0.91 -5.39 -9.61
C ALA A 29 -0.39 -5.22 -8.83
N GLU A 30 -1.51 -5.38 -9.51
CA GLU A 30 -2.80 -5.26 -8.86
C GLU A 30 -3.02 -6.42 -7.89
N LEU A 31 -2.55 -7.60 -8.27
CA LEU A 31 -2.71 -8.77 -7.42
C LEU A 31 -2.27 -8.47 -5.99
N PHE A 32 -1.50 -7.41 -5.85
CA PHE A 32 -1.01 -7.03 -4.53
C PHE A 32 -2.13 -6.52 -3.63
N GLU A 33 -3.00 -5.70 -4.19
CA GLU A 33 -4.10 -5.15 -3.42
C GLU A 33 -4.97 -6.27 -2.86
N LYS A 34 -5.18 -7.31 -3.66
CA LYS A 34 -6.01 -8.44 -3.24
C LYS A 34 -5.38 -9.14 -2.05
N GLN A 35 -4.06 -9.29 -2.07
CA GLN A 35 -3.35 -9.94 -0.99
C GLN A 35 -3.46 -9.13 0.29
N ILE A 36 -3.80 -7.85 0.17
CA ILE A 36 -3.92 -6.97 1.32
C ILE A 36 -5.31 -7.09 1.94
N VAL A 37 -6.32 -6.72 1.18
CA VAL A 37 -7.70 -6.78 1.68
C VAL A 37 -7.95 -8.09 2.41
N GLN A 38 -7.34 -9.15 1.92
CA GLN A 38 -7.51 -10.46 2.55
C GLN A 38 -6.92 -10.48 3.95
N HIS A 39 -5.70 -9.95 4.08
CA HIS A 39 -5.03 -9.91 5.38
C HIS A 39 -5.20 -8.54 6.03
N GLY A 40 -6.27 -7.84 5.64
CA GLY A 40 -6.54 -6.52 6.20
C GLY A 40 -5.74 -5.44 5.48
N GLY A 41 -5.90 -4.19 5.91
CA GLY A 41 -5.19 -3.09 5.30
C GLY A 41 -5.80 -2.74 3.94
N GLN A 42 -7.08 -3.00 3.80
CA GLN A 42 -7.78 -2.72 2.55
C GLN A 42 -7.40 -1.33 2.01
N LEU A 43 -7.82 -1.04 0.79
CA LEU A 43 -7.51 0.25 0.19
C LEU A 43 -8.35 1.34 0.82
N CYS A 44 -7.79 2.55 0.91
CA CYS A 44 -8.52 3.67 1.49
C CYS A 44 -7.86 4.99 1.08
N PRO A 45 -8.36 5.63 0.05
CA PRO A 45 -7.80 6.92 -0.45
C PRO A 45 -7.59 7.93 0.67
N ALA A 46 -6.55 8.75 0.53
CA ALA A 46 -6.25 9.75 1.54
C ALA A 46 -7.48 10.58 1.88
N GLN A 47 -8.19 11.03 0.85
CA GLN A 47 -9.39 11.84 1.04
C GLN A 47 -10.47 11.01 1.73
N GLY A 48 -10.15 9.77 2.04
CA GLY A 48 -11.11 8.89 2.68
C GLY A 48 -10.95 8.94 4.20
N PRO A 49 -10.62 7.85 4.86
CA PRO A 49 -10.46 7.80 6.34
C PRO A 49 -9.14 8.43 6.79
N GLY A 50 -8.04 7.90 6.28
CA GLY A 50 -6.73 8.42 6.66
C GLY A 50 -5.66 7.99 5.68
N VAL A 51 -5.28 6.71 5.74
CA VAL A 51 -4.26 6.17 4.86
C VAL A 51 -2.88 6.63 5.29
N THR A 52 -1.84 5.94 4.83
CA THR A 52 -0.48 6.32 5.16
C THR A 52 0.50 5.85 4.10
N HIS A 53 0.18 4.73 3.45
CA HIS A 53 1.05 4.18 2.41
C HIS A 53 0.40 4.30 1.03
N ILE A 54 1.23 4.59 0.03
CA ILE A 54 0.73 4.73 -1.35
C ILE A 54 1.64 3.95 -2.29
N VAL A 55 1.13 2.83 -2.79
CA VAL A 55 1.88 1.99 -3.72
C VAL A 55 1.61 2.36 -5.15
N VAL A 56 2.67 2.45 -5.95
CA VAL A 56 2.53 2.79 -7.35
C VAL A 56 3.34 1.83 -8.22
N ASP A 57 2.99 1.76 -9.50
CA ASP A 57 3.68 0.87 -10.43
C ASP A 57 5.11 1.35 -10.65
N GLU A 58 5.55 2.29 -9.81
CA GLU A 58 6.91 2.82 -9.92
C GLU A 58 7.04 3.70 -11.16
N GLY A 59 6.17 3.46 -12.13
CA GLY A 59 6.21 4.23 -13.37
C GLY A 59 6.04 5.71 -13.08
N MET A 60 5.06 6.04 -12.26
CA MET A 60 4.80 7.44 -11.90
C MET A 60 5.63 7.83 -10.67
N ASP A 61 6.08 9.08 -10.65
CA ASP A 61 6.87 9.58 -9.53
C ASP A 61 5.97 9.94 -8.36
N TYR A 62 6.59 10.28 -7.24
CA TYR A 62 5.81 10.64 -6.05
C TYR A 62 4.93 11.85 -6.35
N GLU A 63 5.54 12.92 -6.86
CA GLU A 63 4.81 14.14 -7.15
C GLU A 63 3.61 13.84 -8.04
N ARG A 64 3.81 12.98 -9.02
CA ARG A 64 2.74 12.59 -9.94
C ARG A 64 1.69 11.74 -9.21
N ALA A 65 2.15 10.85 -8.36
CA ALA A 65 1.25 9.97 -7.63
C ALA A 65 0.15 10.77 -6.95
N LEU A 66 0.42 12.02 -6.62
CA LEU A 66 -0.58 12.83 -5.95
C LEU A 66 -1.87 12.90 -6.77
N ARG A 67 -1.73 13.04 -8.07
CA ARG A 67 -2.90 13.13 -8.93
C ARG A 67 -3.70 11.83 -8.86
N LEU A 68 -2.99 10.72 -8.71
CA LEU A 68 -3.66 9.42 -8.65
C LEU A 68 -4.61 9.36 -7.49
N LEU A 69 -4.14 9.77 -6.33
CA LEU A 69 -4.95 9.76 -5.12
C LEU A 69 -5.64 11.11 -4.94
N ARG A 70 -5.66 11.90 -6.01
CA ARG A 70 -6.28 13.22 -5.96
C ARG A 70 -5.93 13.91 -4.66
N LEU A 71 -4.62 14.05 -4.41
CA LEU A 71 -4.16 14.72 -3.19
C LEU A 71 -3.09 15.75 -3.52
N PRO A 72 -3.35 17.02 -3.32
CA PRO A 72 -2.38 18.10 -3.63
C PRO A 72 -1.23 18.16 -2.63
N GLN A 73 -1.23 17.24 -1.67
CA GLN A 73 -0.18 17.20 -0.66
C GLN A 73 -0.42 16.05 0.32
N LEU A 74 0.67 15.41 0.75
CA LEU A 74 0.55 14.31 1.69
C LEU A 74 0.49 14.80 3.12
N PRO A 75 -0.27 14.12 3.96
CA PRO A 75 -0.41 14.51 5.37
C PRO A 75 0.88 14.28 6.17
N PRO A 76 0.99 14.90 7.31
CA PRO A 76 2.19 14.77 8.19
C PRO A 76 2.34 13.36 8.75
N GLY A 77 1.77 12.38 8.05
CA GLY A 77 1.84 11.00 8.49
C GLY A 77 1.52 10.04 7.35
N ALA A 78 2.36 10.06 6.32
CA ALA A 78 2.16 9.19 5.16
C ALA A 78 3.36 9.28 4.22
N GLN A 79 3.64 8.19 3.52
CA GLN A 79 4.76 8.15 2.58
C GLN A 79 4.36 7.40 1.32
N LEU A 80 5.05 7.70 0.21
CA LEU A 80 4.76 7.03 -1.06
C LEU A 80 5.78 5.96 -1.34
N VAL A 81 5.33 4.71 -1.34
CA VAL A 81 6.22 3.58 -1.57
C VAL A 81 5.96 3.00 -2.95
N LYS A 82 6.91 2.20 -3.43
CA LYS A 82 6.78 1.58 -4.74
C LYS A 82 6.16 0.19 -4.63
N SER A 83 6.14 -0.53 -5.74
CA SER A 83 5.57 -1.87 -5.77
C SER A 83 6.40 -2.83 -4.91
N ALA A 84 7.72 -2.70 -4.98
CA ALA A 84 8.60 -3.57 -4.22
C ALA A 84 8.19 -3.60 -2.76
N TRP A 85 8.02 -2.42 -2.16
CA TRP A 85 7.63 -2.35 -0.76
C TRP A 85 6.41 -3.20 -0.50
N LEU A 86 5.38 -3.05 -1.33
CA LEU A 86 4.17 -3.81 -1.14
C LEU A 86 4.46 -5.31 -1.18
N SER A 87 5.16 -5.74 -2.20
CA SER A 87 5.50 -7.16 -2.33
C SER A 87 6.06 -7.68 -1.02
N LEU A 88 7.07 -7.00 -0.49
CA LEU A 88 7.68 -7.43 0.76
C LEU A 88 6.62 -7.50 1.86
N CYS A 89 5.87 -6.43 2.02
CA CYS A 89 4.83 -6.39 3.04
C CYS A 89 4.05 -7.70 3.05
N LEU A 90 4.01 -8.36 1.90
CA LEU A 90 3.30 -9.64 1.76
C LEU A 90 4.20 -10.78 2.22
N GLN A 91 5.44 -10.79 1.75
CA GLN A 91 6.38 -11.84 2.12
C GLN A 91 6.76 -11.72 3.59
N GLU A 92 7.23 -10.55 3.98
CA GLU A 92 7.63 -10.32 5.36
C GLU A 92 6.42 -10.10 6.24
N ARG A 93 5.22 -10.28 5.65
CA ARG A 93 3.96 -10.09 6.39
C ARG A 93 4.13 -9.08 7.53
N ARG A 94 4.80 -7.98 7.23
CA ARG A 94 5.04 -6.95 8.23
C ARG A 94 5.37 -5.62 7.57
N LEU A 95 5.36 -4.56 8.35
CA LEU A 95 5.66 -3.24 7.82
C LEU A 95 7.15 -3.09 7.54
N VAL A 96 7.53 -3.23 6.27
CA VAL A 96 8.92 -3.10 5.88
C VAL A 96 9.28 -1.63 5.74
N ASP A 97 10.57 -1.35 5.89
CA ASP A 97 11.07 0.02 5.78
C ASP A 97 10.75 0.59 4.40
N VAL A 98 9.95 1.64 4.37
CA VAL A 98 9.57 2.28 3.12
C VAL A 98 10.78 2.96 2.48
N ALA A 99 11.55 3.68 3.28
CA ALA A 99 12.71 4.38 2.78
C ALA A 99 13.51 3.50 1.83
N GLY A 100 13.27 2.20 1.90
CA GLY A 100 13.96 1.25 1.04
C GLY A 100 13.50 1.39 -0.41
N PHE A 101 12.20 1.63 -0.60
CA PHE A 101 11.64 1.76 -1.95
C PHE A 101 10.80 3.03 -2.05
N SER A 102 10.94 3.92 -1.07
CA SER A 102 10.19 5.16 -1.07
C SER A 102 10.74 6.12 -2.12
N ILE A 103 9.85 6.76 -2.86
CA ILE A 103 10.24 7.70 -3.90
C ILE A 103 10.73 8.98 -3.28
N PHE A 104 9.81 9.71 -2.65
CA PHE A 104 10.14 10.96 -2.00
C PHE A 104 10.54 12.01 -3.01
N ILE A 105 11.25 11.58 -4.07
CA ILE A 105 11.74 12.46 -5.13
C ILE A 105 12.95 11.83 -5.82
N PRO A 106 13.98 11.47 -5.08
CA PRO A 106 15.21 10.87 -5.66
C PRO A 106 14.93 9.58 -6.42
N GLY A 1 -5.88 -23.19 -3.45
CA GLY A 1 -6.71 -23.69 -2.31
C GLY A 1 -5.82 -23.80 -1.06
N SER A 2 -5.28 -22.67 -0.63
CA SER A 2 -4.42 -22.65 0.55
C SER A 2 -5.25 -22.87 1.81
N ASN A 3 -4.62 -23.47 2.82
CA ASN A 3 -5.31 -23.74 4.09
C ASN A 3 -5.29 -22.51 4.98
N SER A 4 -6.38 -21.76 4.97
CA SER A 4 -6.48 -20.56 5.79
C SER A 4 -7.94 -20.18 6.01
N GLY A 5 -8.18 -19.31 6.99
CA GLY A 5 -9.54 -18.88 7.30
C GLY A 5 -9.52 -17.62 8.14
N GLU A 6 -9.47 -17.80 9.46
CA GLU A 6 -9.45 -16.66 10.39
C GLU A 6 -8.02 -16.15 10.54
N GLU A 7 -7.85 -14.85 10.31
CA GLU A 7 -6.52 -14.24 10.42
C GLU A 7 -6.02 -14.34 11.85
N ALA A 8 -6.88 -14.05 12.82
CA ALA A 8 -6.51 -14.10 14.22
C ALA A 8 -5.23 -13.29 14.47
N GLU A 9 -4.75 -12.60 13.44
CA GLU A 9 -3.54 -11.80 13.55
C GLU A 9 -3.66 -10.54 12.69
N GLU A 10 -3.86 -9.40 13.34
CA GLU A 10 -3.98 -8.12 12.63
C GLU A 10 -2.73 -7.28 12.81
N TRP A 11 -1.80 -7.40 11.88
CA TRP A 11 -0.54 -6.65 11.92
C TRP A 11 -0.59 -5.46 10.97
N LEU A 12 -1.21 -5.65 9.81
CA LEU A 12 -1.33 -4.58 8.82
C LEU A 12 -2.41 -3.58 9.23
N SER A 13 -3.21 -3.95 10.22
CA SER A 13 -4.26 -3.07 10.69
C SER A 13 -3.66 -1.86 11.42
N SER A 14 -2.40 -2.00 11.82
CA SER A 14 -1.70 -0.92 12.52
C SER A 14 -1.34 0.21 11.57
N LEU A 15 -1.42 -0.06 10.26
CA LEU A 15 -1.10 0.95 9.24
C LEU A 15 -2.16 0.91 8.13
N ARG A 16 -2.11 1.92 7.25
CA ARG A 16 -3.04 2.03 6.13
C ARG A 16 -2.29 1.90 4.80
N ALA A 17 -2.72 0.96 3.98
CA ALA A 17 -2.11 0.72 2.68
C ALA A 17 -3.04 1.20 1.57
N HIS A 18 -2.47 1.54 0.42
CA HIS A 18 -3.27 2.00 -0.70
C HIS A 18 -2.55 1.75 -2.02
N VAL A 19 -3.20 1.01 -2.92
CA VAL A 19 -2.61 0.72 -4.23
C VAL A 19 -3.18 1.65 -5.29
N VAL A 20 -2.34 2.01 -6.25
CA VAL A 20 -2.76 2.90 -7.32
C VAL A 20 -3.68 2.17 -8.29
N ARG A 21 -4.68 2.88 -8.82
CA ARG A 21 -5.61 2.27 -9.75
C ARG A 21 -4.89 1.83 -11.04
N THR A 22 -3.99 2.68 -11.53
CA THR A 22 -3.25 2.37 -12.75
C THR A 22 -1.85 1.89 -12.40
N GLY A 23 -1.42 0.83 -13.09
CA GLY A 23 -0.09 0.26 -12.86
C GLY A 23 -0.16 -0.93 -11.91
N ILE A 24 -1.24 -1.01 -11.13
CA ILE A 24 -1.43 -2.11 -10.18
C ILE A 24 -2.79 -2.78 -10.40
N GLY A 25 -3.52 -2.33 -11.40
CA GLY A 25 -4.83 -2.90 -11.72
C GLY A 25 -4.72 -3.92 -12.84
N ARG A 26 -3.54 -4.52 -12.97
CA ARG A 26 -3.31 -5.48 -14.04
C ARG A 26 -4.21 -6.70 -13.86
N ALA A 27 -4.27 -7.22 -12.63
CA ALA A 27 -5.09 -8.39 -12.33
C ALA A 27 -4.69 -8.98 -10.98
N ARG A 28 -3.45 -9.43 -10.87
CA ARG A 28 -2.94 -10.02 -9.64
C ARG A 28 -2.27 -8.95 -8.77
N ALA A 29 -1.78 -7.90 -9.41
CA ALA A 29 -1.12 -6.82 -8.69
C ALA A 29 -2.10 -6.16 -7.72
N GLU A 30 -3.35 -6.01 -8.16
CA GLU A 30 -4.37 -5.39 -7.33
C GLU A 30 -4.65 -6.25 -6.10
N LEU A 31 -4.67 -7.57 -6.30
CA LEU A 31 -4.93 -8.49 -5.20
C LEU A 31 -4.14 -8.09 -3.96
N PHE A 32 -3.14 -7.25 -4.16
CA PHE A 32 -2.29 -6.79 -3.07
C PHE A 32 -3.13 -6.07 -2.01
N GLU A 33 -4.06 -5.23 -2.45
CA GLU A 33 -4.91 -4.49 -1.52
C GLU A 33 -5.85 -5.43 -0.77
N LYS A 34 -6.42 -6.38 -1.50
CA LYS A 34 -7.33 -7.34 -0.90
C LYS A 34 -6.61 -8.18 0.14
N GLN A 35 -5.41 -8.65 -0.22
CA GLN A 35 -4.62 -9.48 0.68
C GLN A 35 -4.39 -8.74 1.99
N ILE A 36 -4.19 -7.43 1.90
CA ILE A 36 -3.97 -6.62 3.09
C ILE A 36 -5.20 -6.64 3.99
N VAL A 37 -6.38 -6.49 3.40
CA VAL A 37 -7.61 -6.48 4.17
C VAL A 37 -7.78 -7.77 4.93
N GLN A 38 -7.52 -8.89 4.26
CA GLN A 38 -7.65 -10.19 4.89
C GLN A 38 -6.80 -10.27 6.16
N HIS A 39 -5.63 -9.62 6.13
CA HIS A 39 -4.72 -9.63 7.27
C HIS A 39 -4.77 -8.30 8.02
N GLY A 40 -5.81 -7.51 7.76
CA GLY A 40 -5.97 -6.21 8.42
C GLY A 40 -5.30 -5.11 7.60
N GLY A 41 -5.80 -3.88 7.75
CA GLY A 41 -5.26 -2.74 7.00
C GLY A 41 -6.27 -2.26 5.98
N GLN A 42 -7.50 -2.03 6.42
CA GLN A 42 -8.55 -1.57 5.53
C GLN A 42 -8.03 -0.49 4.60
N LEU A 43 -8.50 -0.51 3.36
CA LEU A 43 -8.07 0.46 2.38
C LEU A 43 -8.81 1.77 2.59
N CYS A 44 -8.06 2.87 2.51
CA CYS A 44 -8.66 4.19 2.69
C CYS A 44 -8.04 5.21 1.73
N PRO A 45 -8.72 5.58 0.65
CA PRO A 45 -8.18 6.59 -0.31
C PRO A 45 -8.23 8.00 0.25
N ALA A 46 -7.54 8.93 -0.41
CA ALA A 46 -7.51 10.32 0.04
C ALA A 46 -8.91 10.78 0.44
N GLN A 47 -9.89 10.51 -0.42
CA GLN A 47 -11.26 10.91 -0.13
C GLN A 47 -11.82 10.11 1.04
N GLY A 48 -11.19 8.97 1.33
CA GLY A 48 -11.63 8.13 2.42
C GLY A 48 -11.17 8.67 3.77
N PRO A 49 -11.25 7.87 4.80
CA PRO A 49 -10.83 8.27 6.17
C PRO A 49 -9.41 8.84 6.20
N GLY A 50 -8.50 8.19 5.47
CA GLY A 50 -7.11 8.64 5.43
C GLY A 50 -6.22 7.61 4.72
N VAL A 51 -4.92 7.71 4.94
CA VAL A 51 -3.98 6.79 4.30
C VAL A 51 -2.61 6.97 4.93
N THR A 52 -1.92 5.86 5.16
CA THR A 52 -0.59 5.89 5.75
C THR A 52 0.48 5.63 4.70
N HIS A 53 0.28 4.59 3.90
CA HIS A 53 1.25 4.22 2.86
C HIS A 53 0.59 4.16 1.49
N ILE A 54 1.38 4.35 0.44
CA ILE A 54 0.86 4.30 -0.92
C ILE A 54 1.79 3.46 -1.80
N VAL A 55 1.29 2.32 -2.25
CA VAL A 55 2.06 1.42 -3.09
C VAL A 55 1.79 1.70 -4.55
N VAL A 56 2.87 1.75 -5.34
CA VAL A 56 2.75 2.02 -6.77
C VAL A 56 3.47 0.94 -7.58
N ASP A 57 3.16 0.89 -8.88
CA ASP A 57 3.77 -0.09 -9.76
C ASP A 57 5.25 0.20 -9.99
N GLU A 58 5.83 1.00 -9.09
CA GLU A 58 7.23 1.37 -9.18
C GLU A 58 7.47 2.30 -10.36
N GLY A 59 7.00 1.90 -11.53
CA GLY A 59 7.16 2.70 -12.73
C GLY A 59 6.53 4.07 -12.54
N MET A 60 5.50 4.13 -11.70
CA MET A 60 4.82 5.40 -11.45
C MET A 60 5.68 6.32 -10.60
N ASP A 61 5.67 7.60 -10.93
CA ASP A 61 6.43 8.59 -10.19
C ASP A 61 5.60 9.11 -9.02
N TYR A 62 6.27 9.58 -7.99
CA TYR A 62 5.58 10.10 -6.82
C TYR A 62 4.63 11.24 -7.25
N GLU A 63 5.14 12.14 -8.07
CA GLU A 63 4.34 13.27 -8.50
C GLU A 63 3.01 12.82 -9.10
N ARG A 64 3.08 11.87 -10.02
CA ARG A 64 1.88 11.35 -10.67
C ARG A 64 1.06 10.51 -9.69
N ALA A 65 1.74 9.75 -8.86
CA ALA A 65 1.07 8.88 -7.90
C ALA A 65 -0.06 9.60 -7.18
N LEU A 66 0.16 10.82 -6.74
CA LEU A 66 -0.87 11.57 -6.04
C LEU A 66 -2.13 11.71 -6.90
N ARG A 67 -1.95 11.94 -8.18
CA ARG A 67 -3.08 12.08 -9.08
C ARG A 67 -3.81 10.75 -9.27
N LEU A 68 -3.06 9.65 -9.16
CA LEU A 68 -3.66 8.34 -9.33
C LEU A 68 -4.68 8.04 -8.24
N LEU A 69 -4.35 8.41 -7.00
CA LEU A 69 -5.24 8.17 -5.87
C LEU A 69 -5.84 9.47 -5.36
N ARG A 70 -5.72 10.51 -6.18
CA ARG A 70 -6.26 11.80 -5.82
C ARG A 70 -5.79 12.21 -4.44
N LEU A 71 -4.49 12.27 -4.23
CA LEU A 71 -3.94 12.65 -2.92
C LEU A 71 -3.34 14.06 -2.99
N PRO A 72 -3.89 15.02 -2.28
CA PRO A 72 -3.36 16.41 -2.29
C PRO A 72 -1.85 16.46 -2.08
N GLN A 73 -1.38 15.74 -1.06
CA GLN A 73 0.05 15.71 -0.75
C GLN A 73 0.32 14.74 0.39
N LEU A 74 1.39 13.95 0.25
CA LEU A 74 1.75 12.96 1.25
C LEU A 74 1.47 13.48 2.67
N PRO A 75 0.37 13.07 3.29
CA PRO A 75 0.00 13.54 4.65
C PRO A 75 1.21 13.56 5.60
N PRO A 76 1.15 14.36 6.65
CA PRO A 76 2.26 14.45 7.65
C PRO A 76 2.52 13.11 8.35
N GLY A 77 3.33 12.26 7.73
CA GLY A 77 3.66 10.95 8.29
C GLY A 77 3.63 9.86 7.22
N ALA A 78 2.71 9.98 6.28
CA ALA A 78 2.58 9.00 5.21
C ALA A 78 3.65 9.23 4.15
N GLN A 79 4.02 8.16 3.44
CA GLN A 79 5.03 8.26 2.39
C GLN A 79 4.67 7.32 1.25
N LEU A 80 5.15 7.62 0.06
CA LEU A 80 4.89 6.79 -1.10
C LEU A 80 5.93 5.70 -1.21
N VAL A 81 5.48 4.46 -1.05
CA VAL A 81 6.36 3.31 -1.12
C VAL A 81 6.05 2.51 -2.37
N LYS A 82 6.90 1.53 -2.67
CA LYS A 82 6.72 0.68 -3.84
C LYS A 82 6.19 -0.69 -3.45
N SER A 83 6.02 -1.55 -4.45
CA SER A 83 5.53 -2.90 -4.22
C SER A 83 6.46 -3.65 -3.28
N ALA A 84 7.76 -3.45 -3.46
CA ALA A 84 8.75 -4.12 -2.63
C ALA A 84 8.42 -3.94 -1.15
N TRP A 85 8.17 -2.70 -0.75
CA TRP A 85 7.84 -2.43 0.64
C TRP A 85 6.64 -3.25 1.07
N LEU A 86 5.60 -3.27 0.24
CA LEU A 86 4.39 -4.03 0.56
C LEU A 86 4.68 -5.53 0.54
N SER A 87 5.20 -6.02 -0.59
CA SER A 87 5.49 -7.43 -0.75
C SER A 87 6.11 -8.00 0.52
N LEU A 88 7.22 -7.41 0.93
CA LEU A 88 7.89 -7.88 2.14
C LEU A 88 6.90 -7.79 3.31
N CYS A 89 6.23 -6.65 3.44
CA CYS A 89 5.24 -6.49 4.51
C CYS A 89 4.36 -7.73 4.61
N LEU A 90 3.93 -8.27 3.49
CA LEU A 90 3.09 -9.45 3.53
C LEU A 90 3.86 -10.64 4.09
N GLN A 91 5.04 -10.88 3.55
CA GLN A 91 5.84 -12.02 3.99
C GLN A 91 6.40 -11.79 5.39
N GLU A 92 7.04 -10.65 5.58
CA GLU A 92 7.63 -10.31 6.86
C GLU A 92 6.56 -10.00 7.91
N ARG A 93 5.51 -9.31 7.48
CA ARG A 93 4.41 -8.94 8.37
C ARG A 93 4.88 -7.99 9.45
N ARG A 94 5.50 -6.89 9.02
CA ARG A 94 6.02 -5.90 9.94
C ARG A 94 6.04 -4.51 9.30
N LEU A 95 6.78 -3.59 9.92
CA LEU A 95 6.90 -2.23 9.40
C LEU A 95 8.37 -1.90 9.09
N VAL A 96 8.77 -2.16 7.84
CA VAL A 96 10.15 -1.87 7.42
C VAL A 96 10.30 -0.40 7.07
N ASP A 97 11.51 0.10 7.21
CA ASP A 97 11.79 1.51 6.91
C ASP A 97 11.70 1.76 5.41
N VAL A 98 10.81 2.68 5.05
CA VAL A 98 10.61 3.01 3.65
C VAL A 98 11.81 3.80 3.12
N ALA A 99 11.55 4.96 2.55
CA ALA A 99 12.61 5.82 2.02
C ALA A 99 13.34 5.12 0.86
N GLY A 100 13.98 4.00 1.17
CA GLY A 100 14.70 3.25 0.16
C GLY A 100 13.76 2.81 -0.95
N PHE A 101 12.61 2.28 -0.58
CA PHE A 101 11.62 1.84 -1.56
C PHE A 101 10.74 3.00 -1.98
N SER A 102 10.88 4.12 -1.28
CA SER A 102 10.08 5.29 -1.59
C SER A 102 10.63 6.02 -2.81
N ILE A 103 9.77 6.80 -3.46
CA ILE A 103 10.18 7.54 -4.65
C ILE A 103 10.62 8.94 -4.27
N PHE A 104 9.70 9.68 -3.66
CA PHE A 104 9.94 11.06 -3.23
C PHE A 104 10.23 11.99 -4.42
N ILE A 105 10.87 11.44 -5.47
CA ILE A 105 11.26 12.17 -6.68
C ILE A 105 12.49 11.50 -7.31
N PRO A 106 13.58 11.34 -6.57
CA PRO A 106 14.83 10.73 -7.13
C PRO A 106 14.60 9.31 -7.63
N GLY A 1 -12.51 -11.03 16.97
CA GLY A 1 -11.11 -11.15 16.45
C GLY A 1 -11.05 -12.30 15.45
N SER A 2 -10.96 -13.53 15.95
CA SER A 2 -10.89 -14.71 15.09
C SER A 2 -11.85 -15.78 15.59
N ASN A 3 -12.32 -16.62 14.67
CA ASN A 3 -13.25 -17.70 15.02
C ASN A 3 -13.11 -18.86 14.03
N SER A 4 -11.88 -19.24 13.75
CA SER A 4 -11.63 -20.34 12.82
C SER A 4 -10.29 -21.03 13.14
N GLY A 5 -10.18 -22.29 12.75
CA GLY A 5 -8.95 -23.03 12.99
C GLY A 5 -7.79 -22.48 12.17
N GLU A 6 -8.09 -22.12 10.92
CA GLU A 6 -7.07 -21.57 10.03
C GLU A 6 -6.45 -20.32 10.63
N GLU A 7 -5.14 -20.15 10.45
CA GLU A 7 -4.46 -18.98 11.00
C GLU A 7 -5.28 -17.71 10.77
N ALA A 8 -5.30 -17.25 9.54
CA ALA A 8 -6.05 -16.05 9.20
C ALA A 8 -5.63 -14.90 10.11
N GLU A 9 -4.48 -15.06 10.78
CA GLU A 9 -3.99 -14.04 11.68
C GLU A 9 -3.75 -12.73 10.92
N GLU A 10 -4.11 -11.62 11.53
CA GLU A 10 -3.93 -10.31 10.91
C GLU A 10 -2.62 -9.68 11.37
N TRP A 11 -1.87 -9.14 10.42
CA TRP A 11 -0.59 -8.50 10.73
C TRP A 11 -0.40 -7.24 9.88
N LEU A 12 -0.84 -7.31 8.64
CA LEU A 12 -0.71 -6.17 7.74
C LEU A 12 -1.88 -5.22 7.91
N SER A 13 -2.84 -5.62 8.72
CA SER A 13 -4.03 -4.80 8.97
C SER A 13 -3.65 -3.50 9.67
N SER A 14 -2.62 -3.57 10.50
CA SER A 14 -2.17 -2.40 11.24
C SER A 14 -1.81 -1.27 10.29
N LEU A 15 -1.11 -1.59 9.22
CA LEU A 15 -0.71 -0.57 8.25
C LEU A 15 -1.63 -0.59 7.02
N ARG A 16 -2.48 0.42 6.93
CA ARG A 16 -3.40 0.52 5.82
C ARG A 16 -2.63 0.79 4.55
N ALA A 17 -2.60 -0.20 3.67
CA ALA A 17 -1.87 -0.06 2.41
C ALA A 17 -2.78 0.47 1.31
N HIS A 18 -2.18 0.96 0.25
CA HIS A 18 -2.93 1.48 -0.88
C HIS A 18 -2.18 1.25 -2.16
N VAL A 19 -2.87 0.74 -3.16
CA VAL A 19 -2.26 0.47 -4.47
C VAL A 19 -3.02 1.24 -5.56
N VAL A 20 -2.32 2.16 -6.21
CA VAL A 20 -2.92 2.94 -7.28
C VAL A 20 -3.46 2.03 -8.38
N ARG A 21 -4.66 1.50 -8.15
CA ARG A 21 -5.30 0.62 -9.13
C ARG A 21 -5.72 1.40 -10.36
N THR A 22 -5.62 2.72 -10.29
CA THR A 22 -6.00 3.58 -11.41
C THR A 22 -4.79 3.87 -12.29
N GLY A 23 -3.64 3.32 -11.93
CA GLY A 23 -2.41 3.54 -12.70
C GLY A 23 -1.51 2.32 -12.64
N ILE A 24 -1.31 1.78 -11.44
CA ILE A 24 -0.47 0.61 -11.26
C ILE A 24 -1.06 -0.60 -11.99
N GLY A 25 -2.16 -0.38 -12.70
CA GLY A 25 -2.82 -1.46 -13.40
C GLY A 25 -2.00 -1.93 -14.59
N ARG A 26 -0.74 -2.22 -14.34
CA ARG A 26 0.17 -2.68 -15.39
C ARG A 26 -0.20 -4.09 -15.83
N ALA A 27 -0.48 -4.95 -14.85
CA ALA A 27 -0.84 -6.33 -15.16
C ALA A 27 -1.18 -7.10 -13.89
N ARG A 28 -0.15 -7.57 -13.20
CA ARG A 28 -0.32 -8.32 -11.96
C ARG A 28 -0.20 -7.41 -10.75
N ALA A 29 0.45 -6.27 -10.91
CA ALA A 29 0.60 -5.37 -9.78
C ALA A 29 -0.73 -5.15 -9.06
N GLU A 30 -1.81 -5.09 -9.81
CA GLU A 30 -3.13 -4.89 -9.20
C GLU A 30 -3.36 -5.88 -8.07
N LEU A 31 -2.70 -7.02 -8.16
CA LEU A 31 -2.87 -8.06 -7.14
C LEU A 31 -2.37 -7.57 -5.79
N PHE A 32 -1.50 -6.59 -5.83
CA PHE A 32 -0.93 -6.06 -4.59
C PHE A 32 -2.02 -5.67 -3.61
N GLU A 33 -3.04 -4.97 -4.08
CA GLU A 33 -4.13 -4.56 -3.22
C GLU A 33 -4.91 -5.78 -2.73
N LYS A 34 -5.04 -6.79 -3.58
CA LYS A 34 -5.79 -7.97 -3.22
C LYS A 34 -5.13 -8.67 -2.04
N GLN A 35 -3.82 -8.87 -2.14
CA GLN A 35 -3.09 -9.53 -1.09
C GLN A 35 -3.21 -8.74 0.20
N ILE A 36 -3.21 -7.42 0.09
CA ILE A 36 -3.33 -6.57 1.27
C ILE A 36 -4.67 -6.82 1.95
N VAL A 37 -5.75 -6.83 1.18
CA VAL A 37 -7.06 -7.05 1.75
C VAL A 37 -7.15 -8.43 2.39
N GLN A 38 -6.67 -9.43 1.65
CA GLN A 38 -6.69 -10.80 2.14
C GLN A 38 -5.73 -10.94 3.32
N HIS A 39 -4.62 -10.22 3.27
CA HIS A 39 -3.63 -10.28 4.33
C HIS A 39 -3.95 -9.28 5.43
N GLY A 40 -5.04 -8.54 5.25
CA GLY A 40 -5.46 -7.53 6.22
C GLY A 40 -5.02 -6.14 5.78
N GLY A 41 -5.82 -5.13 6.12
CA GLY A 41 -5.50 -3.75 5.75
C GLY A 41 -6.38 -3.28 4.61
N GLN A 42 -7.70 -3.38 4.82
CA GLN A 42 -8.65 -2.95 3.78
C GLN A 42 -8.19 -1.67 3.11
N LEU A 43 -8.46 -1.56 1.82
CA LEU A 43 -8.04 -0.38 1.07
C LEU A 43 -8.94 0.81 1.43
N CYS A 44 -8.33 1.98 1.55
CA CYS A 44 -9.08 3.19 1.88
C CYS A 44 -8.48 4.40 1.16
N PRO A 45 -8.91 4.66 -0.04
CA PRO A 45 -8.43 5.83 -0.84
C PRO A 45 -8.69 7.15 -0.13
N ALA A 46 -8.88 8.21 -0.92
CA ALA A 46 -9.15 9.53 -0.37
C ALA A 46 -10.48 9.52 0.39
N GLN A 47 -11.37 8.62 0.02
CA GLN A 47 -12.67 8.53 0.66
C GLN A 47 -12.50 8.13 2.13
N GLY A 48 -11.36 7.54 2.45
CA GLY A 48 -11.09 7.12 3.82
C GLY A 48 -10.12 8.08 4.50
N PRO A 49 -9.57 7.69 5.62
CA PRO A 49 -8.60 8.52 6.40
C PRO A 49 -7.43 8.98 5.54
N GLY A 50 -6.89 8.06 4.74
CA GLY A 50 -5.77 8.38 3.87
C GLY A 50 -4.68 7.32 3.99
N VAL A 51 -5.08 6.08 4.28
CA VAL A 51 -4.13 4.98 4.41
C VAL A 51 -2.85 5.45 5.10
N THR A 52 -1.76 4.71 4.88
CA THR A 52 -0.48 5.06 5.47
C THR A 52 0.66 4.78 4.49
N HIS A 53 0.39 3.95 3.49
CA HIS A 53 1.39 3.60 2.48
C HIS A 53 0.82 3.75 1.08
N ILE A 54 1.73 3.87 0.10
CA ILE A 54 1.30 4.03 -1.30
C ILE A 54 2.16 3.20 -2.24
N VAL A 55 1.55 2.19 -2.85
CA VAL A 55 2.26 1.33 -3.78
C VAL A 55 2.06 1.85 -5.20
N VAL A 56 3.16 2.00 -5.92
CA VAL A 56 3.11 2.49 -7.30
C VAL A 56 3.95 1.61 -8.23
N ASP A 57 3.77 1.80 -9.54
CA ASP A 57 4.50 1.01 -10.52
C ASP A 57 5.92 1.54 -10.66
N GLU A 58 6.46 2.10 -9.58
CA GLU A 58 7.81 2.64 -9.60
C GLU A 58 7.91 3.83 -10.53
N GLY A 59 7.75 3.56 -11.83
CA GLY A 59 7.82 4.61 -12.84
C GLY A 59 6.96 5.80 -12.44
N MET A 60 6.04 5.58 -11.51
CA MET A 60 5.16 6.65 -11.06
C MET A 60 5.90 7.58 -10.10
N ASP A 61 5.53 8.86 -10.15
CA ASP A 61 6.13 9.86 -9.28
C ASP A 61 5.22 10.15 -8.11
N TYR A 62 5.81 10.36 -6.94
CA TYR A 62 5.03 10.65 -5.73
C TYR A 62 3.80 11.50 -6.07
N GLU A 63 4.06 12.65 -6.69
CA GLU A 63 2.98 13.56 -7.05
C GLU A 63 1.97 12.83 -7.93
N ARG A 64 2.43 12.33 -9.08
CA ARG A 64 1.55 11.62 -10.00
C ARG A 64 0.62 10.69 -9.23
N ALA A 65 1.18 10.00 -8.23
CA ALA A 65 0.38 9.09 -7.42
C ALA A 65 -0.82 9.81 -6.80
N LEU A 66 -0.56 10.97 -6.19
CA LEU A 66 -1.63 11.73 -5.56
C LEU A 66 -2.72 12.06 -6.58
N ARG A 67 -2.32 12.48 -7.76
CA ARG A 67 -3.26 12.80 -8.78
C ARG A 67 -4.07 11.56 -9.18
N LEU A 68 -3.39 10.43 -9.30
CA LEU A 68 -4.06 9.20 -9.69
C LEU A 68 -5.10 8.79 -8.65
N LEU A 69 -4.67 8.72 -7.40
CA LEU A 69 -5.56 8.32 -6.34
C LEU A 69 -6.47 9.47 -5.96
N ARG A 70 -6.06 10.69 -6.34
CA ARG A 70 -6.83 11.89 -6.03
C ARG A 70 -6.66 12.30 -4.58
N LEU A 71 -5.43 12.66 -4.21
CA LEU A 71 -5.18 13.09 -2.83
C LEU A 71 -4.27 14.33 -2.81
N PRO A 72 -4.74 15.44 -2.30
CA PRO A 72 -3.92 16.69 -2.24
C PRO A 72 -2.66 16.53 -1.39
N GLN A 73 -2.80 15.79 -0.29
CA GLN A 73 -1.66 15.56 0.60
C GLN A 73 -1.94 14.40 1.54
N LEU A 74 -0.95 13.55 1.71
CA LEU A 74 -1.11 12.39 2.57
C LEU A 74 -1.06 12.78 4.04
N PRO A 75 -1.75 12.07 4.89
CA PRO A 75 -1.76 12.38 6.34
C PRO A 75 -0.41 12.15 7.00
N PRO A 76 -0.24 12.61 8.22
CA PRO A 76 1.03 12.42 8.99
C PRO A 76 1.42 10.95 9.11
N GLY A 77 2.72 10.69 9.11
CA GLY A 77 3.21 9.32 9.24
C GLY A 77 3.14 8.59 7.91
N ALA A 78 2.31 9.10 7.00
CA ALA A 78 2.16 8.49 5.68
C ALA A 78 3.48 8.52 4.93
N GLN A 79 3.65 7.54 4.04
CA GLN A 79 4.89 7.45 3.26
C GLN A 79 4.63 6.67 1.97
N LEU A 80 5.04 7.25 0.85
CA LEU A 80 4.85 6.60 -0.43
C LEU A 80 5.97 5.63 -0.70
N VAL A 81 5.62 4.39 -1.03
CA VAL A 81 6.59 3.34 -1.31
C VAL A 81 6.37 2.80 -2.71
N LYS A 82 7.25 1.89 -3.12
CA LYS A 82 7.15 1.28 -4.45
C LYS A 82 6.68 -0.16 -4.34
N SER A 83 6.62 -0.83 -5.48
CA SER A 83 6.16 -2.22 -5.52
C SER A 83 7.06 -3.10 -4.66
N ALA A 84 8.36 -2.87 -4.74
CA ALA A 84 9.31 -3.65 -3.96
C ALA A 84 8.91 -3.69 -2.49
N TRP A 85 8.60 -2.52 -1.94
CA TRP A 85 8.20 -2.46 -0.53
C TRP A 85 7.04 -3.41 -0.27
N LEU A 86 6.11 -3.45 -1.20
CA LEU A 86 4.95 -4.31 -1.03
C LEU A 86 5.40 -5.77 -0.97
N SER A 87 6.12 -6.22 -1.98
CA SER A 87 6.58 -7.59 -2.01
C SER A 87 7.23 -7.95 -0.69
N LEU A 88 8.04 -7.03 -0.17
CA LEU A 88 8.71 -7.28 1.10
C LEU A 88 7.67 -7.42 2.21
N CYS A 89 6.83 -6.41 2.35
CA CYS A 89 5.80 -6.43 3.39
C CYS A 89 5.14 -7.81 3.42
N LEU A 90 5.02 -8.42 2.25
CA LEU A 90 4.40 -9.73 2.14
C LEU A 90 5.36 -10.82 2.61
N GLN A 91 6.57 -10.81 2.06
CA GLN A 91 7.56 -11.81 2.42
C GLN A 91 7.98 -11.69 3.88
N GLU A 92 8.32 -10.47 4.29
CA GLU A 92 8.75 -10.22 5.65
C GLU A 92 7.55 -10.20 6.59
N ARG A 93 6.37 -10.43 6.04
CA ARG A 93 5.14 -10.44 6.84
C ARG A 93 5.18 -9.36 7.91
N ARG A 94 5.84 -8.25 7.60
CA ARG A 94 5.95 -7.15 8.54
C ARG A 94 6.25 -5.86 7.81
N LEU A 95 6.26 -4.76 8.55
CA LEU A 95 6.53 -3.46 7.95
C LEU A 95 8.04 -3.24 7.80
N VAL A 96 8.46 -2.92 6.58
CA VAL A 96 9.87 -2.68 6.28
C VAL A 96 10.13 -1.20 6.02
N ASP A 97 11.36 -0.77 6.26
CA ASP A 97 11.72 0.63 6.06
C ASP A 97 11.54 1.01 4.60
N VAL A 98 11.12 2.25 4.38
CA VAL A 98 10.91 2.74 3.02
C VAL A 98 12.05 3.66 2.59
N ALA A 99 13.12 3.66 3.37
CA ALA A 99 14.27 4.49 3.07
C ALA A 99 15.01 3.95 1.85
N GLY A 100 14.29 3.76 0.76
CA GLY A 100 14.88 3.26 -0.48
C GLY A 100 13.81 2.98 -1.52
N PHE A 101 12.65 2.54 -1.07
CA PHE A 101 11.54 2.24 -1.98
C PHE A 101 10.54 3.39 -2.02
N SER A 102 10.89 4.48 -1.34
CA SER A 102 10.03 5.67 -1.30
C SER A 102 10.49 6.72 -2.28
N ILE A 103 9.51 7.38 -2.91
CA ILE A 103 9.82 8.41 -3.90
C ILE A 103 9.97 9.76 -3.22
N PHE A 104 8.93 10.14 -2.50
CA PHE A 104 8.92 11.41 -1.77
C PHE A 104 8.95 12.60 -2.73
N ILE A 105 9.75 12.48 -3.79
CA ILE A 105 9.94 13.52 -4.80
C ILE A 105 11.26 13.28 -5.56
N PRO A 106 12.37 13.18 -4.86
CA PRO A 106 13.69 13.00 -5.50
C PRO A 106 13.78 11.70 -6.29
N GLY A 1 -18.41 -19.63 22.61
CA GLY A 1 -17.51 -18.78 21.78
C GLY A 1 -16.06 -19.11 22.11
N SER A 2 -15.56 -20.19 21.52
CA SER A 2 -14.18 -20.60 21.76
C SER A 2 -13.21 -19.52 21.29
N ASN A 3 -13.47 -18.97 20.12
CA ASN A 3 -12.61 -17.92 19.57
C ASN A 3 -11.17 -18.41 19.46
N SER A 4 -11.01 -19.62 18.94
CA SER A 4 -9.68 -20.20 18.78
C SER A 4 -9.68 -21.24 17.67
N GLY A 5 -8.49 -21.58 17.18
CA GLY A 5 -8.36 -22.57 16.11
C GLY A 5 -8.19 -21.89 14.76
N GLU A 6 -8.65 -20.65 14.67
CA GLU A 6 -8.56 -19.89 13.43
C GLU A 6 -7.23 -19.13 13.36
N GLU A 7 -6.74 -18.92 12.14
CA GLU A 7 -5.49 -18.22 11.95
C GLU A 7 -5.57 -16.82 12.50
N ALA A 8 -6.60 -16.07 12.09
CA ALA A 8 -6.80 -14.68 12.54
C ALA A 8 -5.48 -14.05 12.97
N GLU A 9 -4.53 -13.96 12.04
CA GLU A 9 -3.22 -13.39 12.33
C GLU A 9 -2.88 -12.30 11.33
N GLU A 10 -3.87 -11.46 11.02
CA GLU A 10 -3.67 -10.37 10.07
C GLU A 10 -2.38 -9.64 10.41
N TRP A 11 -1.61 -9.30 9.37
CA TRP A 11 -0.34 -8.59 9.54
C TRP A 11 -0.33 -7.30 8.74
N LEU A 12 -0.68 -7.40 7.46
CA LEU A 12 -0.70 -6.22 6.60
C LEU A 12 -1.79 -5.26 7.03
N SER A 13 -2.77 -5.78 7.74
CA SER A 13 -3.88 -4.95 8.19
C SER A 13 -3.38 -3.85 9.11
N SER A 14 -2.17 -4.04 9.64
CA SER A 14 -1.57 -3.05 10.53
C SER A 14 -1.30 -1.75 9.79
N LEU A 15 -1.34 -1.81 8.46
CA LEU A 15 -1.11 -0.63 7.64
C LEU A 15 -2.09 -0.61 6.46
N ARG A 16 -2.14 0.52 5.77
CA ARG A 16 -3.04 0.68 4.62
C ARG A 16 -2.25 0.98 3.35
N ALA A 17 -2.30 0.05 2.40
CA ALA A 17 -1.59 0.22 1.13
C ALA A 17 -2.51 0.81 0.08
N HIS A 18 -1.94 1.24 -1.04
CA HIS A 18 -2.73 1.81 -2.12
C HIS A 18 -2.01 1.63 -3.45
N VAL A 19 -2.66 0.93 -4.38
CA VAL A 19 -2.09 0.70 -5.70
C VAL A 19 -2.70 1.67 -6.72
N VAL A 20 -1.85 2.25 -7.56
CA VAL A 20 -2.30 3.20 -8.58
C VAL A 20 -2.72 2.46 -9.85
N ARG A 21 -3.95 2.71 -10.28
CA ARG A 21 -4.49 2.07 -11.47
C ARG A 21 -3.88 2.67 -12.75
N THR A 22 -3.69 3.97 -12.75
CA THR A 22 -3.13 4.64 -13.91
C THR A 22 -1.75 4.09 -14.23
N GLY A 23 -1.10 3.50 -13.23
CA GLY A 23 0.24 2.93 -13.42
C GLY A 23 0.21 1.43 -13.22
N ILE A 24 0.45 1.00 -11.98
CA ILE A 24 0.47 -0.43 -11.67
C ILE A 24 -0.66 -1.16 -12.39
N GLY A 25 -1.73 -0.44 -12.68
CA GLY A 25 -2.87 -1.04 -13.36
C GLY A 25 -2.52 -1.35 -14.81
N ARG A 26 -1.32 -1.87 -15.03
CA ARG A 26 -0.87 -2.22 -16.37
C ARG A 26 -1.44 -3.57 -16.81
N ALA A 27 -1.11 -4.62 -16.06
CA ALA A 27 -1.59 -5.96 -16.40
C ALA A 27 -1.74 -6.81 -15.14
N ARG A 28 -0.66 -7.50 -14.77
CA ARG A 28 -0.68 -8.35 -13.58
C ARG A 28 -0.18 -7.59 -12.35
N ALA A 29 0.62 -6.56 -12.59
CA ALA A 29 1.15 -5.75 -11.49
C ALA A 29 0.01 -5.30 -10.57
N GLU A 30 -1.21 -5.38 -11.07
CA GLU A 30 -2.36 -4.99 -10.27
C GLU A 30 -2.66 -6.01 -9.18
N LEU A 31 -2.43 -7.26 -9.49
CA LEU A 31 -2.66 -8.33 -8.53
C LEU A 31 -2.08 -7.96 -7.16
N PHE A 32 -1.20 -6.98 -7.15
CA PHE A 32 -0.54 -6.57 -5.92
C PHE A 32 -1.55 -6.14 -4.84
N GLU A 33 -2.46 -5.26 -5.20
CA GLU A 33 -3.46 -4.78 -4.25
C GLU A 33 -4.27 -5.95 -3.68
N LYS A 34 -4.54 -6.92 -4.52
CA LYS A 34 -5.33 -8.08 -4.12
C LYS A 34 -4.62 -8.84 -3.00
N GLN A 35 -3.32 -9.04 -3.18
CA GLN A 35 -2.54 -9.75 -2.20
C GLN A 35 -2.54 -8.99 -0.88
N ILE A 36 -2.87 -7.71 -0.94
CA ILE A 36 -2.90 -6.88 0.27
C ILE A 36 -4.25 -7.00 0.99
N VAL A 37 -5.33 -6.71 0.27
CA VAL A 37 -6.66 -6.78 0.86
C VAL A 37 -6.99 -8.20 1.29
N GLN A 38 -6.57 -9.16 0.48
CA GLN A 38 -6.82 -10.56 0.79
C GLN A 38 -6.17 -10.96 2.10
N HIS A 39 -4.96 -10.47 2.33
CA HIS A 39 -4.23 -10.78 3.55
C HIS A 39 -4.42 -9.68 4.59
N GLY A 40 -5.42 -8.83 4.36
CA GLY A 40 -5.72 -7.74 5.29
C GLY A 40 -5.07 -6.45 4.82
N GLY A 41 -5.74 -5.33 5.04
CA GLY A 41 -5.21 -4.02 4.63
C GLY A 41 -5.95 -3.50 3.42
N GLN A 42 -7.28 -3.61 3.44
CA GLN A 42 -8.11 -3.14 2.32
C GLN A 42 -7.58 -1.81 1.80
N LEU A 43 -7.97 -1.48 0.57
CA LEU A 43 -7.54 -0.24 -0.04
C LEU A 43 -8.20 0.94 0.66
N CYS A 44 -7.42 1.98 0.93
CA CYS A 44 -7.94 3.16 1.60
C CYS A 44 -7.54 4.45 0.87
N PRO A 45 -8.40 4.99 0.04
CA PRO A 45 -8.12 6.24 -0.71
C PRO A 45 -8.32 7.47 0.16
N ALA A 46 -8.11 8.65 -0.44
CA ALA A 46 -8.27 9.90 0.30
C ALA A 46 -9.65 9.98 0.95
N GLN A 47 -10.68 9.68 0.17
CA GLN A 47 -12.04 9.72 0.69
C GLN A 47 -12.23 8.69 1.80
N GLY A 48 -11.34 7.71 1.83
CA GLY A 48 -11.41 6.65 2.82
C GLY A 48 -10.81 7.11 4.16
N PRO A 49 -10.41 6.19 4.99
CA PRO A 49 -9.81 6.53 6.32
C PRO A 49 -8.73 7.59 6.22
N GLY A 50 -7.85 7.44 5.24
CA GLY A 50 -6.78 8.41 5.06
C GLY A 50 -5.62 7.80 4.31
N VAL A 51 -5.23 6.58 4.71
CA VAL A 51 -4.12 5.87 4.07
C VAL A 51 -2.79 6.34 4.67
N THR A 52 -1.72 5.59 4.39
CA THR A 52 -0.40 5.97 4.88
C THR A 52 0.67 5.60 3.87
N HIS A 53 0.46 4.47 3.18
CA HIS A 53 1.43 4.00 2.19
C HIS A 53 0.84 3.96 0.80
N ILE A 54 1.65 4.28 -0.21
CA ILE A 54 1.16 4.24 -1.60
C ILE A 54 2.15 3.48 -2.49
N VAL A 55 1.72 2.33 -2.99
CA VAL A 55 2.56 1.51 -3.86
C VAL A 55 2.33 1.90 -5.32
N VAL A 56 3.41 2.20 -6.02
CA VAL A 56 3.33 2.61 -7.43
C VAL A 56 4.35 1.85 -8.27
N ASP A 57 4.17 1.92 -9.59
CA ASP A 57 5.07 1.24 -10.51
C ASP A 57 6.41 1.95 -10.57
N GLU A 58 6.68 2.80 -9.59
CA GLU A 58 7.93 3.54 -9.54
C GLU A 58 7.96 4.65 -10.57
N GLY A 59 7.30 4.42 -11.67
CA GLY A 59 7.22 5.40 -12.73
C GLY A 59 6.41 6.60 -12.30
N MET A 60 5.59 6.41 -11.27
CA MET A 60 4.75 7.50 -10.76
C MET A 60 5.55 8.40 -9.82
N ASP A 61 5.06 9.61 -9.62
CA ASP A 61 5.72 10.57 -8.72
C ASP A 61 4.82 10.83 -7.52
N TYR A 62 5.43 10.97 -6.36
CA TYR A 62 4.68 11.23 -5.14
C TYR A 62 3.65 12.33 -5.37
N GLU A 63 4.11 13.47 -5.88
CA GLU A 63 3.22 14.60 -6.12
C GLU A 63 2.01 14.16 -6.94
N ARG A 64 2.24 13.27 -7.91
CA ARG A 64 1.17 12.77 -8.75
C ARG A 64 0.38 11.67 -8.04
N ALA A 65 1.00 11.04 -7.04
CA ALA A 65 0.34 9.97 -6.32
C ALA A 65 -0.94 10.46 -5.66
N LEU A 66 -0.93 11.68 -5.15
CA LEU A 66 -2.10 12.24 -4.49
C LEU A 66 -3.27 12.30 -5.46
N ARG A 67 -2.99 12.62 -6.71
CA ARG A 67 -4.04 12.72 -7.72
C ARG A 67 -4.72 11.36 -7.91
N LEU A 68 -3.94 10.29 -7.81
CA LEU A 68 -4.47 8.95 -7.98
C LEU A 68 -5.52 8.64 -6.91
N LEU A 69 -5.24 9.06 -5.70
CA LEU A 69 -6.15 8.83 -4.58
C LEU A 69 -6.81 10.12 -4.16
N ARG A 70 -6.61 11.17 -4.95
CA ARG A 70 -7.20 12.47 -4.64
C ARG A 70 -7.00 12.81 -3.18
N LEU A 71 -5.74 12.85 -2.75
CA LEU A 71 -5.43 13.18 -1.36
C LEU A 71 -4.79 14.57 -1.28
N PRO A 72 -5.47 15.53 -0.71
CA PRO A 72 -4.93 16.91 -0.58
C PRO A 72 -3.51 16.94 -0.03
N GLN A 73 -3.24 16.11 0.97
CA GLN A 73 -1.91 16.06 1.57
C GLN A 73 -1.71 14.78 2.36
N LEU A 74 -0.62 14.08 2.08
CA LEU A 74 -0.34 12.83 2.76
C LEU A 74 -0.39 13.01 4.28
N PRO A 75 -1.20 12.23 4.97
CA PRO A 75 -1.32 12.31 6.46
C PRO A 75 0.05 12.30 7.15
N PRO A 76 0.06 12.27 8.47
CA PRO A 76 1.32 12.24 9.26
C PRO A 76 2.19 11.05 8.90
N GLY A 77 3.46 11.32 8.63
CA GLY A 77 4.39 10.26 8.29
C GLY A 77 4.11 9.72 6.90
N ALA A 78 2.84 9.31 6.66
CA ALA A 78 2.41 8.76 5.36
C ALA A 78 3.50 8.90 4.31
N GLN A 79 4.01 7.77 3.82
CA GLN A 79 5.10 7.79 2.83
C GLN A 79 4.72 6.94 1.63
N LEU A 80 5.12 7.40 0.45
CA LEU A 80 4.80 6.68 -0.78
C LEU A 80 5.94 5.76 -1.13
N VAL A 81 5.63 4.48 -1.21
CA VAL A 81 6.62 3.47 -1.51
C VAL A 81 6.40 2.89 -2.90
N LYS A 82 7.38 2.15 -3.37
CA LYS A 82 7.29 1.55 -4.71
C LYS A 82 6.83 0.10 -4.63
N SER A 83 6.77 -0.54 -5.78
CA SER A 83 6.34 -1.92 -5.86
C SER A 83 7.30 -2.82 -5.07
N ALA A 84 8.59 -2.55 -5.19
CA ALA A 84 9.58 -3.35 -4.47
C ALA A 84 9.23 -3.44 -2.99
N TRP A 85 8.93 -2.30 -2.39
CA TRP A 85 8.58 -2.29 -0.98
C TRP A 85 7.41 -3.23 -0.72
N LEU A 86 6.43 -3.22 -1.61
CA LEU A 86 5.26 -4.07 -1.43
C LEU A 86 5.66 -5.54 -1.51
N SER A 87 6.27 -5.92 -2.63
CA SER A 87 6.69 -7.31 -2.81
C SER A 87 7.38 -7.82 -1.55
N LEU A 88 8.39 -7.08 -1.12
CA LEU A 88 9.13 -7.48 0.07
C LEU A 88 8.15 -7.72 1.23
N CYS A 89 7.26 -6.77 1.44
CA CYS A 89 6.29 -6.89 2.51
C CYS A 89 5.55 -8.22 2.43
N LEU A 90 5.27 -8.65 1.22
CA LEU A 90 4.55 -9.91 1.01
C LEU A 90 5.40 -11.11 1.39
N GLN A 91 6.55 -11.24 0.76
CA GLN A 91 7.45 -12.36 1.02
C GLN A 91 7.99 -12.28 2.44
N GLU A 92 7.95 -11.08 3.02
CA GLU A 92 8.44 -10.89 4.39
C GLU A 92 7.31 -11.14 5.39
N ARG A 93 6.14 -10.58 5.11
CA ARG A 93 4.98 -10.72 5.98
C ARG A 93 5.05 -9.73 7.13
N ARG A 94 5.59 -8.55 6.87
CA ARG A 94 5.71 -7.53 7.91
C ARG A 94 5.93 -6.16 7.30
N LEU A 95 6.14 -5.16 8.13
CA LEU A 95 6.36 -3.81 7.64
C LEU A 95 7.80 -3.64 7.17
N VAL A 96 7.96 -3.24 5.91
CA VAL A 96 9.29 -3.05 5.33
C VAL A 96 9.68 -1.57 5.36
N ASP A 97 10.97 -1.31 5.35
CA ASP A 97 11.47 0.06 5.37
C ASP A 97 10.98 0.81 4.13
N VAL A 98 10.05 1.73 4.34
CA VAL A 98 9.50 2.52 3.23
C VAL A 98 10.61 3.32 2.55
N ALA A 99 11.47 3.92 3.37
CA ALA A 99 12.57 4.72 2.84
C ALA A 99 13.41 3.91 1.86
N GLY A 100 13.34 2.59 2.00
CA GLY A 100 14.10 1.70 1.13
C GLY A 100 13.67 1.87 -0.32
N PHE A 101 12.38 2.06 -0.53
CA PHE A 101 11.84 2.22 -1.88
C PHE A 101 10.70 3.25 -1.90
N SER A 102 11.00 4.47 -1.46
CA SER A 102 10.01 5.54 -1.44
C SER A 102 10.44 6.70 -2.32
N ILE A 103 9.44 7.41 -2.84
CA ILE A 103 9.72 8.53 -3.73
C ILE A 103 10.05 9.76 -2.92
N PHE A 104 9.07 10.22 -2.14
CA PHE A 104 9.25 11.40 -1.31
C PHE A 104 9.43 12.64 -2.15
N ILE A 105 10.11 12.50 -3.30
CA ILE A 105 10.39 13.60 -4.23
C ILE A 105 11.63 13.26 -5.07
N PRO A 106 12.75 12.96 -4.44
CA PRO A 106 14.02 12.66 -5.16
C PRO A 106 13.86 11.49 -6.12
N GLY A 1 -11.34 -27.71 10.34
CA GLY A 1 -12.53 -27.33 9.53
C GLY A 1 -13.12 -26.03 10.07
N SER A 2 -13.21 -25.02 9.20
CA SER A 2 -13.76 -23.73 9.60
C SER A 2 -13.03 -23.19 10.82
N ASN A 3 -11.75 -23.54 10.95
CA ASN A 3 -10.95 -23.09 12.08
C ASN A 3 -10.73 -21.57 12.00
N SER A 4 -11.25 -20.85 12.99
CA SER A 4 -11.11 -19.40 13.02
C SER A 4 -9.84 -19.01 13.78
N GLY A 5 -9.14 -20.01 14.29
CA GLY A 5 -7.91 -19.75 15.04
C GLY A 5 -6.96 -18.88 14.24
N GLU A 6 -6.59 -19.32 13.05
CA GLU A 6 -5.69 -18.56 12.20
C GLU A 6 -4.54 -17.96 13.02
N GLU A 7 -3.89 -16.95 12.48
CA GLU A 7 -2.78 -16.28 13.17
C GLU A 7 -3.29 -15.60 14.44
N ALA A 8 -4.42 -14.92 14.32
CA ALA A 8 -5.00 -14.23 15.47
C ALA A 8 -4.04 -13.17 16.01
N GLU A 9 -3.42 -12.41 15.09
CA GLU A 9 -2.50 -11.35 15.50
C GLU A 9 -2.45 -10.27 14.44
N GLU A 10 -2.70 -10.64 13.19
CA GLU A 10 -2.68 -9.69 12.10
C GLU A 10 -1.38 -8.89 12.11
N TRP A 11 -1.18 -8.07 11.08
CA TRP A 11 0.03 -7.26 10.99
C TRP A 11 -0.16 -6.14 9.97
N LEU A 12 -0.53 -6.54 8.75
CA LEU A 12 -0.74 -5.56 7.69
C LEU A 12 -1.99 -4.72 7.98
N SER A 13 -2.82 -5.24 8.87
CA SER A 13 -4.05 -4.54 9.22
C SER A 13 -3.74 -3.19 9.84
N SER A 14 -2.74 -3.15 10.71
CA SER A 14 -2.37 -1.89 11.37
C SER A 14 -2.15 -0.78 10.35
N LEU A 15 -1.18 -0.99 9.47
CA LEU A 15 -0.88 0.00 8.43
C LEU A 15 -1.95 -0.04 7.36
N ARG A 16 -1.93 0.94 6.47
CA ARG A 16 -2.92 1.03 5.38
C ARG A 16 -2.22 1.09 4.03
N ALA A 17 -2.50 0.11 3.19
CA ALA A 17 -1.91 0.05 1.86
C ALA A 17 -2.87 0.65 0.83
N HIS A 18 -2.31 1.09 -0.30
CA HIS A 18 -3.12 1.67 -1.37
C HIS A 18 -2.43 1.54 -2.71
N VAL A 19 -3.02 0.77 -3.61
CA VAL A 19 -2.45 0.57 -4.95
C VAL A 19 -3.18 1.44 -5.95
N VAL A 20 -2.44 2.03 -6.88
CA VAL A 20 -3.05 2.88 -7.89
C VAL A 20 -3.62 2.03 -9.03
N ARG A 21 -4.88 1.65 -8.89
CA ARG A 21 -5.53 0.85 -9.92
C ARG A 21 -5.51 1.56 -11.26
N THR A 22 -5.55 2.89 -11.23
CA THR A 22 -5.54 3.69 -12.45
C THR A 22 -4.11 4.08 -12.81
N GLY A 23 -3.17 3.18 -12.54
CA GLY A 23 -1.77 3.46 -12.84
C GLY A 23 -0.88 2.28 -12.46
N ILE A 24 -1.50 1.26 -11.85
CA ILE A 24 -0.77 0.06 -11.45
C ILE A 24 -1.46 -1.18 -12.01
N GLY A 25 -2.56 -0.99 -12.69
CA GLY A 25 -3.31 -2.11 -13.25
C GLY A 25 -2.56 -2.76 -14.41
N ARG A 26 -1.24 -2.81 -14.29
CA ARG A 26 -0.41 -3.39 -15.34
C ARG A 26 -0.78 -4.86 -15.55
N ALA A 27 -1.09 -5.55 -14.46
CA ALA A 27 -1.44 -6.96 -14.54
C ALA A 27 -1.90 -7.47 -13.17
N ARG A 28 -1.04 -8.20 -12.50
CA ARG A 28 -1.34 -8.75 -11.18
C ARG A 28 -1.03 -7.72 -10.10
N ALA A 29 -0.19 -6.74 -10.43
CA ALA A 29 0.21 -5.72 -9.48
C ALA A 29 -0.97 -5.26 -8.66
N GLU A 30 -2.13 -5.17 -9.29
CA GLU A 30 -3.34 -4.74 -8.61
C GLU A 30 -3.75 -5.76 -7.56
N LEU A 31 -3.70 -7.03 -7.93
CA LEU A 31 -4.06 -8.10 -7.00
C LEU A 31 -3.47 -7.84 -5.62
N PHE A 32 -2.49 -6.97 -5.56
CA PHE A 32 -1.83 -6.66 -4.31
C PHE A 32 -2.81 -6.14 -3.28
N GLU A 33 -3.63 -5.19 -3.66
CA GLU A 33 -4.61 -4.62 -2.74
C GLU A 33 -5.58 -5.68 -2.25
N LYS A 34 -5.84 -6.67 -3.07
CA LYS A 34 -6.79 -7.74 -2.73
C LYS A 34 -6.27 -8.57 -1.58
N GLN A 35 -5.09 -9.13 -1.74
CA GLN A 35 -4.50 -9.96 -0.70
C GLN A 35 -4.37 -9.17 0.60
N ILE A 36 -4.18 -7.86 0.46
CA ILE A 36 -4.05 -7.00 1.62
C ILE A 36 -5.37 -6.94 2.40
N VAL A 37 -6.48 -6.89 1.66
CA VAL A 37 -7.79 -6.81 2.28
C VAL A 37 -8.03 -8.03 3.17
N GLN A 38 -7.62 -9.19 2.69
CA GLN A 38 -7.80 -10.42 3.45
C GLN A 38 -6.91 -10.43 4.69
N HIS A 39 -5.92 -9.54 4.70
CA HIS A 39 -4.99 -9.45 5.83
C HIS A 39 -5.53 -8.48 6.88
N GLY A 40 -6.76 -8.02 6.69
CA GLY A 40 -7.39 -7.08 7.62
C GLY A 40 -7.09 -5.64 7.23
N GLY A 41 -6.22 -5.46 6.25
CA GLY A 41 -5.86 -4.12 5.78
C GLY A 41 -6.85 -3.63 4.73
N GLN A 42 -7.82 -2.82 5.17
CA GLN A 42 -8.82 -2.31 4.24
C GLN A 42 -8.27 -1.13 3.45
N LEU A 43 -8.67 -1.01 2.18
CA LEU A 43 -8.21 0.07 1.34
C LEU A 43 -9.00 1.33 1.63
N CYS A 44 -8.29 2.45 1.69
CA CYS A 44 -8.94 3.74 1.95
C CYS A 44 -8.41 4.80 0.98
N PRO A 45 -9.07 4.95 -0.15
CA PRO A 45 -8.67 5.96 -1.17
C PRO A 45 -8.56 7.37 -0.59
N ALA A 46 -8.25 8.33 -1.45
CA ALA A 46 -8.10 9.72 -1.02
C ALA A 46 -9.36 10.18 -0.32
N GLN A 47 -10.52 9.83 -0.86
CA GLN A 47 -11.79 10.22 -0.28
C GLN A 47 -11.96 9.59 1.10
N GLY A 48 -10.97 8.79 1.50
CA GLY A 48 -11.02 8.12 2.80
C GLY A 48 -9.66 8.21 3.49
N PRO A 49 -9.41 9.27 4.21
CA PRO A 49 -8.12 9.47 4.92
C PRO A 49 -7.76 8.28 5.81
N GLY A 50 -6.48 7.92 5.81
CA GLY A 50 -6.01 6.79 6.61
C GLY A 50 -4.97 5.99 5.85
N VAL A 51 -4.65 6.42 4.64
CA VAL A 51 -3.66 5.73 3.81
C VAL A 51 -2.26 6.26 4.11
N THR A 52 -1.49 5.48 4.85
CA THR A 52 -0.13 5.89 5.19
C THR A 52 0.83 5.44 4.10
N HIS A 53 0.62 4.25 3.56
CA HIS A 53 1.50 3.71 2.52
C HIS A 53 0.80 3.75 1.16
N ILE A 54 1.56 4.12 0.13
CA ILE A 54 1.00 4.17 -1.22
C ILE A 54 1.95 3.51 -2.21
N VAL A 55 1.58 2.33 -2.67
CA VAL A 55 2.40 1.58 -3.62
C VAL A 55 2.02 1.94 -5.05
N VAL A 56 3.04 2.17 -5.87
CA VAL A 56 2.83 2.49 -7.27
C VAL A 56 3.69 1.62 -8.18
N ASP A 57 3.34 1.57 -9.46
CA ASP A 57 4.07 0.77 -10.42
C ASP A 57 5.48 1.30 -10.55
N GLU A 58 6.42 0.60 -9.92
CA GLU A 58 7.83 0.99 -9.95
C GLU A 58 8.15 1.83 -11.18
N GLY A 59 7.95 3.14 -11.04
CA GLY A 59 8.18 4.05 -12.15
C GLY A 59 7.38 5.33 -11.97
N MET A 60 6.27 5.26 -11.23
CA MET A 60 5.44 6.41 -11.01
C MET A 60 6.14 7.43 -10.10
N ASP A 61 5.87 8.71 -10.35
CA ASP A 61 6.47 9.76 -9.55
C ASP A 61 5.58 10.10 -8.36
N TYR A 62 6.19 10.57 -7.29
CA TYR A 62 5.45 10.92 -6.09
C TYR A 62 4.44 12.02 -6.42
N GLU A 63 4.89 13.04 -7.14
CA GLU A 63 4.02 14.17 -7.47
C GLU A 63 2.80 13.69 -8.24
N ARG A 64 3.03 12.83 -9.22
CA ARG A 64 1.95 12.30 -10.03
C ARG A 64 1.11 11.31 -9.25
N ALA A 65 1.69 10.75 -8.19
CA ALA A 65 0.99 9.78 -7.38
C ALA A 65 -0.21 10.43 -6.71
N LEU A 66 -0.11 11.71 -6.42
CA LEU A 66 -1.21 12.44 -5.78
C LEU A 66 -2.35 12.66 -6.77
N ARG A 67 -2.01 13.08 -7.99
CA ARG A 67 -3.03 13.33 -9.00
C ARG A 67 -3.81 12.04 -9.25
N LEU A 68 -3.09 10.95 -9.45
CA LEU A 68 -3.74 9.66 -9.67
C LEU A 68 -4.46 9.21 -8.42
N LEU A 69 -3.78 9.32 -7.28
CA LEU A 69 -4.36 8.91 -6.02
C LEU A 69 -5.43 9.89 -5.59
N ARG A 70 -5.42 11.08 -6.21
CA ARG A 70 -6.39 12.11 -5.87
C ARG A 70 -6.16 12.61 -4.47
N LEU A 71 -4.90 12.51 -4.01
CA LEU A 71 -4.56 12.97 -2.68
C LEU A 71 -3.96 14.38 -2.72
N PRO A 72 -4.60 15.35 -2.12
CA PRO A 72 -4.08 16.76 -2.12
C PRO A 72 -2.81 16.93 -1.29
N GLN A 73 -2.60 16.02 -0.35
CA GLN A 73 -1.42 16.08 0.51
C GLN A 73 -1.34 14.86 1.41
N LEU A 74 -0.15 14.28 1.48
CA LEU A 74 0.03 13.09 2.29
C LEU A 74 0.04 13.44 3.78
N PRO A 75 -0.67 12.68 4.59
CA PRO A 75 -0.70 12.89 6.07
C PRO A 75 0.70 13.18 6.65
N PRO A 76 0.81 13.28 7.95
CA PRO A 76 2.10 13.56 8.62
C PRO A 76 3.22 12.62 8.19
N GLY A 77 3.09 11.36 8.59
CA GLY A 77 4.09 10.37 8.25
C GLY A 77 3.87 9.84 6.87
N ALA A 78 2.62 9.41 6.59
CA ALA A 78 2.24 8.86 5.28
C ALA A 78 3.34 9.07 4.25
N GLN A 79 3.81 8.00 3.64
CA GLN A 79 4.89 8.09 2.65
C GLN A 79 4.51 7.33 1.39
N LEU A 80 5.09 7.74 0.27
CA LEU A 80 4.81 7.07 -0.99
C LEU A 80 5.88 6.06 -1.30
N VAL A 81 5.51 4.78 -1.25
CA VAL A 81 6.44 3.71 -1.52
C VAL A 81 6.12 3.08 -2.86
N LYS A 82 7.02 2.23 -3.33
CA LYS A 82 6.83 1.57 -4.62
C LYS A 82 6.25 0.18 -4.43
N SER A 83 6.25 -0.61 -5.50
CA SER A 83 5.73 -1.97 -5.44
C SER A 83 6.64 -2.87 -4.63
N ALA A 84 7.95 -2.62 -4.72
CA ALA A 84 8.92 -3.42 -4.00
C ALA A 84 8.62 -3.41 -2.50
N TRP A 85 8.38 -2.22 -1.96
CA TRP A 85 8.09 -2.10 -0.54
C TRP A 85 6.98 -3.05 -0.14
N LEU A 86 5.82 -2.88 -0.75
CA LEU A 86 4.68 -3.73 -0.42
C LEU A 86 5.01 -5.20 -0.70
N SER A 87 5.49 -5.45 -1.91
CA SER A 87 5.82 -6.81 -2.31
C SER A 87 6.51 -7.54 -1.17
N LEU A 88 7.66 -7.01 -0.76
CA LEU A 88 8.41 -7.62 0.34
C LEU A 88 7.57 -7.62 1.60
N CYS A 89 6.99 -6.47 1.95
CA CYS A 89 6.17 -6.38 3.14
C CYS A 89 5.05 -7.40 3.09
N LEU A 90 4.69 -7.79 1.88
CA LEU A 90 3.61 -8.75 1.71
C LEU A 90 4.03 -10.15 2.17
N GLN A 91 5.15 -10.60 1.64
CA GLN A 91 5.66 -11.93 1.98
C GLN A 91 6.34 -11.91 3.34
N GLU A 92 6.92 -10.76 3.69
CA GLU A 92 7.62 -10.65 4.97
C GLU A 92 6.65 -10.84 6.09
N ARG A 93 5.50 -10.15 6.03
CA ARG A 93 4.46 -10.27 7.08
C ARG A 93 4.66 -9.25 8.18
N ARG A 94 5.18 -8.08 7.81
CA ARG A 94 5.42 -7.02 8.80
C ARG A 94 5.88 -5.75 8.11
N LEU A 95 5.80 -4.64 8.82
CA LEU A 95 6.19 -3.35 8.25
C LEU A 95 7.69 -3.32 7.95
N VAL A 96 8.03 -2.92 6.73
CA VAL A 96 9.43 -2.84 6.32
C VAL A 96 9.82 -1.39 6.06
N ASP A 97 11.11 -1.10 6.21
CA ASP A 97 11.61 0.25 6.01
C ASP A 97 11.36 0.70 4.58
N VAL A 98 11.11 2.00 4.40
CA VAL A 98 10.86 2.56 3.08
C VAL A 98 12.05 3.39 2.61
N ALA A 99 13.07 3.45 3.44
CA ALA A 99 14.27 4.23 3.11
C ALA A 99 15.02 3.59 1.95
N GLY A 100 14.36 3.50 0.81
CA GLY A 100 14.98 2.90 -0.37
C GLY A 100 13.96 2.71 -1.49
N PHE A 101 12.69 2.55 -1.11
CA PHE A 101 11.62 2.36 -2.10
C PHE A 101 10.74 3.59 -2.15
N SER A 102 10.91 4.50 -1.19
CA SER A 102 10.13 5.72 -1.15
C SER A 102 10.60 6.70 -2.22
N ILE A 103 9.65 7.31 -2.92
CA ILE A 103 9.98 8.26 -3.96
C ILE A 103 10.31 9.60 -3.36
N PHE A 104 9.31 10.23 -2.75
CA PHE A 104 9.50 11.53 -2.13
C PHE A 104 9.79 12.59 -3.15
N ILE A 105 10.54 12.23 -4.19
CA ILE A 105 10.95 13.14 -5.27
C ILE A 105 12.24 12.62 -5.94
N PRO A 106 13.29 12.40 -5.18
CA PRO A 106 14.59 11.94 -5.72
C PRO A 106 14.46 10.62 -6.48
N GLY A 1 -15.94 -23.92 21.34
CA GLY A 1 -15.27 -24.86 22.29
C GLY A 1 -14.12 -25.56 21.57
N SER A 2 -14.41 -26.12 20.40
CA SER A 2 -13.39 -26.81 19.61
C SER A 2 -13.72 -26.76 18.13
N ASN A 3 -14.27 -25.63 17.69
CA ASN A 3 -14.63 -25.46 16.29
C ASN A 3 -13.37 -25.31 15.43
N SER A 4 -13.36 -24.27 14.59
CA SER A 4 -12.22 -24.02 13.73
C SER A 4 -11.04 -23.49 14.53
N GLY A 5 -9.85 -23.55 13.94
CA GLY A 5 -8.65 -23.07 14.61
C GLY A 5 -7.77 -22.27 13.65
N GLU A 6 -8.41 -21.64 12.67
CA GLU A 6 -7.67 -20.84 11.69
C GLU A 6 -6.89 -19.74 12.38
N GLU A 7 -5.67 -19.51 11.91
CA GLU A 7 -4.81 -18.48 12.48
C GLU A 7 -5.41 -17.10 12.26
N ALA A 8 -5.91 -16.86 11.06
CA ALA A 8 -6.51 -15.57 10.73
C ALA A 8 -5.74 -14.43 11.37
N GLU A 9 -4.48 -14.28 10.96
CA GLU A 9 -3.64 -13.21 11.51
C GLU A 9 -3.70 -11.99 10.63
N GLU A 10 -3.79 -10.82 11.26
CA GLU A 10 -3.86 -9.56 10.52
C GLU A 10 -2.63 -8.70 10.79
N TRP A 11 -1.64 -8.81 9.92
CA TRP A 11 -0.41 -8.03 10.07
C TRP A 11 -0.45 -6.78 9.20
N LEU A 12 -0.65 -6.98 7.91
CA LEU A 12 -0.69 -5.87 6.97
C LEU A 12 -1.76 -4.86 7.40
N SER A 13 -2.58 -5.26 8.34
CA SER A 13 -3.64 -4.38 8.82
C SER A 13 -3.05 -3.22 9.60
N SER A 14 -1.94 -3.47 10.28
CA SER A 14 -1.28 -2.44 11.07
C SER A 14 -0.85 -1.27 10.19
N LEU A 15 -0.84 -1.50 8.88
CA LEU A 15 -0.45 -0.46 7.93
C LEU A 15 -1.38 -0.45 6.73
N ARG A 16 -2.13 0.63 6.56
CA ARG A 16 -3.04 0.76 5.44
C ARG A 16 -2.26 1.06 4.16
N ALA A 17 -2.68 0.44 3.06
CA ALA A 17 -2.01 0.64 1.77
C ALA A 17 -2.98 1.22 0.75
N HIS A 18 -2.43 1.63 -0.39
CA HIS A 18 -3.26 2.19 -1.45
C HIS A 18 -2.66 1.87 -2.82
N VAL A 19 -3.43 1.16 -3.64
CA VAL A 19 -3.00 0.80 -4.99
C VAL A 19 -3.54 1.79 -6.01
N VAL A 20 -2.65 2.35 -6.83
CA VAL A 20 -3.06 3.31 -7.84
C VAL A 20 -3.62 2.58 -9.06
N ARG A 21 -4.91 2.31 -9.06
CA ARG A 21 -5.54 1.62 -10.18
C ARG A 21 -5.16 2.27 -11.50
N THR A 22 -5.04 3.60 -11.49
CA THR A 22 -4.67 4.33 -12.69
C THR A 22 -3.18 4.19 -12.96
N GLY A 23 -2.41 3.91 -11.92
CA GLY A 23 -0.96 3.75 -12.06
C GLY A 23 -0.54 2.30 -11.87
N ILE A 24 -1.51 1.44 -11.64
CA ILE A 24 -1.25 0.02 -11.43
C ILE A 24 -2.39 -0.82 -12.01
N GLY A 25 -2.25 -1.21 -13.25
CA GLY A 25 -3.26 -2.04 -13.91
C GLY A 25 -2.62 -3.02 -14.88
N ARG A 26 -1.33 -3.27 -14.71
CA ARG A 26 -0.61 -4.18 -15.58
C ARG A 26 -1.25 -5.55 -15.55
N ALA A 27 -1.38 -6.12 -14.35
CA ALA A 27 -1.98 -7.45 -14.19
C ALA A 27 -1.53 -8.09 -12.88
N ARG A 28 -0.25 -7.92 -12.55
CA ARG A 28 0.28 -8.51 -11.33
C ARG A 28 0.24 -7.53 -10.19
N ALA A 29 0.92 -6.39 -10.34
CA ALA A 29 0.96 -5.39 -9.29
C ALA A 29 -0.43 -5.23 -8.64
N GLU A 30 -1.45 -5.20 -9.45
CA GLU A 30 -2.81 -5.06 -8.93
C GLU A 30 -3.04 -5.98 -7.74
N LEU A 31 -2.68 -7.25 -7.89
CA LEU A 31 -2.85 -8.21 -6.80
C LEU A 31 -2.52 -7.57 -5.46
N PHE A 32 -1.80 -6.46 -5.50
CA PHE A 32 -1.39 -5.79 -4.30
C PHE A 32 -2.58 -5.52 -3.41
N GLU A 33 -3.62 -4.97 -3.99
CA GLU A 33 -4.82 -4.65 -3.23
C GLU A 33 -5.45 -5.93 -2.68
N LYS A 34 -5.51 -6.96 -3.52
CA LYS A 34 -6.10 -8.23 -3.11
C LYS A 34 -5.30 -8.82 -1.94
N GLN A 35 -3.98 -8.74 -2.04
CA GLN A 35 -3.12 -9.26 -0.98
C GLN A 35 -3.28 -8.42 0.29
N ILE A 36 -3.57 -7.14 0.11
CA ILE A 36 -3.75 -6.24 1.25
C ILE A 36 -5.09 -6.48 1.93
N VAL A 37 -6.16 -6.35 1.17
CA VAL A 37 -7.50 -6.53 1.73
C VAL A 37 -7.62 -7.90 2.39
N GLN A 38 -7.07 -8.92 1.74
CA GLN A 38 -7.12 -10.27 2.28
C GLN A 38 -6.29 -10.36 3.55
N HIS A 39 -5.13 -9.69 3.55
CA HIS A 39 -4.25 -9.71 4.72
C HIS A 39 -4.64 -8.61 5.69
N GLY A 40 -5.64 -7.82 5.32
CA GLY A 40 -6.12 -6.73 6.17
C GLY A 40 -5.51 -5.40 5.74
N GLY A 41 -6.01 -4.31 6.33
CA GLY A 41 -5.51 -2.97 5.98
C GLY A 41 -6.48 -2.26 5.06
N GLN A 42 -6.95 -2.96 4.06
CA GLN A 42 -7.90 -2.39 3.10
C GLN A 42 -7.33 -1.10 2.50
N LEU A 43 -7.84 -0.73 1.32
CA LEU A 43 -7.39 0.48 0.64
C LEU A 43 -8.20 1.66 1.10
N CYS A 44 -7.49 2.73 1.48
CA CYS A 44 -8.16 3.95 1.95
C CYS A 44 -7.82 5.14 1.04
N PRO A 45 -8.60 5.33 0.01
CA PRO A 45 -8.42 6.47 -0.93
C PRO A 45 -8.44 7.82 -0.22
N ALA A 46 -7.94 8.85 -0.88
CA ALA A 46 -7.91 10.19 -0.30
C ALA A 46 -9.27 10.53 0.31
N GLN A 47 -10.33 10.03 -0.31
CA GLN A 47 -11.68 10.29 0.18
C GLN A 47 -11.97 9.44 1.41
N GLY A 48 -11.22 8.36 1.57
CA GLY A 48 -11.40 7.46 2.70
C GLY A 48 -10.60 7.96 3.92
N PRO A 49 -10.38 7.09 4.87
CA PRO A 49 -9.64 7.45 6.11
C PRO A 49 -8.39 8.27 5.81
N GLY A 50 -7.68 7.90 4.76
CA GLY A 50 -6.48 8.63 4.36
C GLY A 50 -5.35 7.70 4.00
N VAL A 51 -5.18 6.63 4.79
CA VAL A 51 -4.13 5.66 4.56
C VAL A 51 -2.80 6.20 5.08
N THR A 52 -1.72 5.48 4.77
CA THR A 52 -0.39 5.94 5.17
C THR A 52 0.65 5.58 4.10
N HIS A 53 0.42 4.46 3.42
CA HIS A 53 1.37 4.00 2.38
C HIS A 53 0.74 4.11 1.00
N ILE A 54 1.51 4.60 0.03
CA ILE A 54 1.01 4.71 -1.34
C ILE A 54 1.94 3.96 -2.27
N VAL A 55 1.48 2.80 -2.74
CA VAL A 55 2.27 1.98 -3.65
C VAL A 55 1.94 2.28 -5.10
N VAL A 56 2.98 2.45 -5.91
CA VAL A 56 2.79 2.72 -7.34
C VAL A 56 3.68 1.81 -8.18
N ASP A 57 3.31 1.61 -9.43
CA ASP A 57 4.07 0.77 -10.33
C ASP A 57 5.51 1.24 -10.39
N GLU A 58 6.28 0.91 -9.35
CA GLU A 58 7.69 1.31 -9.26
C GLU A 58 8.16 2.04 -10.52
N GLY A 59 7.80 3.31 -10.60
CA GLY A 59 8.14 4.11 -11.77
C GLY A 59 7.44 5.46 -11.75
N MET A 60 6.34 5.53 -10.99
CA MET A 60 5.59 6.78 -10.90
C MET A 60 6.35 7.80 -10.05
N ASP A 61 6.05 9.08 -10.28
CA ASP A 61 6.69 10.15 -9.52
C ASP A 61 5.79 10.57 -8.35
N TYR A 62 6.41 10.91 -7.23
CA TYR A 62 5.65 11.32 -6.06
C TYR A 62 4.65 12.41 -6.43
N GLU A 63 5.11 13.39 -7.20
CA GLU A 63 4.25 14.50 -7.57
C GLU A 63 3.03 14.01 -8.33
N ARG A 64 3.25 13.09 -9.27
CA ARG A 64 2.17 12.54 -10.07
C ARG A 64 1.29 11.61 -9.25
N ALA A 65 1.93 10.80 -8.40
CA ALA A 65 1.21 9.84 -7.58
C ALA A 65 0.05 10.52 -6.85
N LEU A 66 0.26 11.78 -6.46
CA LEU A 66 -0.78 12.50 -5.74
C LEU A 66 -2.02 12.68 -6.59
N ARG A 67 -1.83 13.10 -7.83
CA ARG A 67 -2.95 13.33 -8.72
C ARG A 67 -3.56 12.03 -9.19
N LEU A 68 -2.71 11.03 -9.39
CA LEU A 68 -3.18 9.74 -9.86
C LEU A 68 -4.15 9.10 -8.89
N LEU A 69 -3.93 9.33 -7.61
CA LEU A 69 -4.78 8.76 -6.59
C LEU A 69 -5.69 9.82 -5.98
N ARG A 70 -5.54 11.07 -6.44
CA ARG A 70 -6.35 12.17 -5.93
C ARG A 70 -5.97 12.51 -4.52
N LEU A 71 -4.72 12.94 -4.32
CA LEU A 71 -4.24 13.30 -3.00
C LEU A 71 -3.66 14.72 -2.99
N PRO A 72 -4.17 15.59 -2.17
CA PRO A 72 -3.67 17.00 -2.08
C PRO A 72 -2.26 17.06 -1.52
N GLN A 73 -1.96 16.18 -0.56
CA GLN A 73 -0.65 16.14 0.06
C GLN A 73 -0.58 15.05 1.13
N LEU A 74 0.55 14.35 1.18
CA LEU A 74 0.73 13.29 2.14
C LEU A 74 0.28 13.73 3.54
N PRO A 75 -0.69 13.04 4.11
CA PRO A 75 -1.20 13.39 5.46
C PRO A 75 -0.21 13.01 6.57
N PRO A 76 -0.42 13.53 7.76
CA PRO A 76 0.46 13.24 8.93
C PRO A 76 0.64 11.74 9.14
N GLY A 77 1.87 11.27 8.94
CA GLY A 77 2.17 9.85 9.11
C GLY A 77 1.84 9.08 7.83
N ALA A 78 2.55 9.43 6.75
CA ALA A 78 2.33 8.76 5.47
C ALA A 78 3.48 9.03 4.52
N GLN A 79 3.84 8.03 3.73
CA GLN A 79 4.94 8.16 2.78
C GLN A 79 4.60 7.48 1.47
N LEU A 80 5.20 7.97 0.39
CA LEU A 80 4.96 7.38 -0.92
C LEU A 80 5.99 6.31 -1.24
N VAL A 81 5.54 5.06 -1.24
CA VAL A 81 6.44 3.94 -1.53
C VAL A 81 6.12 3.36 -2.89
N LYS A 82 7.01 2.52 -3.39
CA LYS A 82 6.83 1.90 -4.69
C LYS A 82 6.35 0.46 -4.54
N SER A 83 6.33 -0.27 -5.66
CA SER A 83 5.89 -1.66 -5.65
C SER A 83 6.86 -2.52 -4.85
N ALA A 84 8.16 -2.30 -5.05
CA ALA A 84 9.18 -3.07 -4.35
C ALA A 84 8.90 -3.05 -2.85
N TRP A 85 8.45 -1.91 -2.34
CA TRP A 85 8.18 -1.78 -0.92
C TRP A 85 7.09 -2.75 -0.49
N LEU A 86 5.96 -2.72 -1.20
CA LEU A 86 4.83 -3.58 -0.85
C LEU A 86 5.21 -5.05 -1.00
N SER A 87 5.67 -5.42 -2.20
CA SER A 87 6.06 -6.79 -2.47
C SER A 87 6.87 -7.36 -1.31
N LEU A 88 8.00 -6.72 -1.01
CA LEU A 88 8.85 -7.19 0.07
C LEU A 88 8.08 -7.15 1.39
N CYS A 89 7.44 -6.02 1.67
CA CYS A 89 6.67 -5.89 2.91
C CYS A 89 5.59 -6.95 2.96
N LEU A 90 5.21 -7.46 1.81
CA LEU A 90 4.18 -8.48 1.74
C LEU A 90 4.67 -9.80 2.30
N GLN A 91 5.80 -10.27 1.78
CA GLN A 91 6.37 -11.53 2.22
C GLN A 91 7.07 -11.36 3.57
N GLU A 92 7.64 -10.18 3.78
CA GLU A 92 8.37 -9.91 5.02
C GLU A 92 7.41 -9.63 6.15
N ARG A 93 6.15 -10.04 5.97
CA ARG A 93 5.12 -9.84 6.99
C ARG A 93 5.51 -8.73 7.97
N ARG A 94 5.86 -7.57 7.43
CA ARG A 94 6.28 -6.45 8.25
C ARG A 94 6.39 -5.19 7.41
N LEU A 95 6.53 -4.05 8.09
CA LEU A 95 6.64 -2.77 7.39
C LEU A 95 8.09 -2.52 6.96
N VAL A 96 8.31 -2.48 5.64
CA VAL A 96 9.64 -2.24 5.10
C VAL A 96 9.97 -0.75 5.12
N ASP A 97 11.25 -0.45 5.13
CA ASP A 97 11.70 0.93 5.15
C ASP A 97 11.34 1.63 3.84
N VAL A 98 10.51 2.66 3.94
CA VAL A 98 10.09 3.40 2.75
C VAL A 98 11.28 4.10 2.11
N ALA A 99 12.14 4.68 2.93
CA ALA A 99 13.31 5.39 2.44
C ALA A 99 14.11 4.49 1.50
N GLY A 100 13.72 3.22 1.42
CA GLY A 100 14.41 2.27 0.56
C GLY A 100 13.85 2.29 -0.86
N PHE A 101 12.54 2.52 -0.97
CA PHE A 101 11.90 2.56 -2.28
C PHE A 101 10.95 3.77 -2.37
N SER A 102 11.08 4.68 -1.41
CA SER A 102 10.24 5.88 -1.40
C SER A 102 10.72 6.88 -2.45
N ILE A 103 9.77 7.54 -3.10
CA ILE A 103 10.12 8.51 -4.13
C ILE A 103 10.43 9.85 -3.49
N PHE A 104 9.41 10.47 -2.88
CA PHE A 104 9.58 11.75 -2.24
C PHE A 104 9.88 12.82 -3.25
N ILE A 105 10.67 12.49 -4.28
CA ILE A 105 11.08 13.41 -5.32
C ILE A 105 12.36 12.93 -6.00
N PRO A 106 13.40 12.68 -5.22
CA PRO A 106 14.71 12.25 -5.77
C PRO A 106 14.60 10.91 -6.50
#